data_3PVQ
#
_entry.id   3PVQ
#
_cell.length_a   64.919
_cell.length_b   50.295
_cell.length_c   107.562
_cell.angle_alpha   90.000
_cell.angle_beta   93.500
_cell.angle_gamma   90.000
#
_symmetry.space_group_name_H-M   'P 1 21 1'
#
loop_
_entity.id
_entity.type
_entity.pdbx_description
1 polymer 'Dipeptidyl-peptidase VI'
2 non-polymer 'CHLORIDE ION'
3 non-polymer GLYCEROL
4 water water
#
_entity_poly.entity_id   1
_entity_poly.type   'polypeptide(L)'
_entity_poly.pdbx_seq_one_letter_code
;GQEIRP(MSE)PADSAYGVVHISVCN(MSE)RDEGKFTSG(MSE)STQALLG(MSE)PVKVLQYTGWYEIQTPDDYTGWV
HR(MSE)VITP(MSE)SKEKYDEWNRAEKIVVTSHYGFTYEKPDDDSQTVSDVVAGNRLKWEGSKGHFYKVSYPDGRQAY
ISRHISQPESKWRASLKQDAESIIKTAYT(MSE)IGIPYLWAGTSSKGVD(OCS)SGLVRTVLF(MSE)HDIIIPRDASQ
QAYVGERIEIAPDFSNVQRGDLVFFGRKATADRKEGISHVGIYLGNKRFIHALGDVHISSFDPEDE(OCS)YDEFNTGRL
LFATRFLPYINKEKG(MSE)NTTDHNLYYLHH
;
_entity_poly.pdbx_strand_id   A,B
#
loop_
_chem_comp.id
_chem_comp.type
_chem_comp.name
_chem_comp.formula
CL non-polymer 'CHLORIDE ION' 'Cl -1'
GOL non-polymer GLYCEROL 'C3 H8 O3'
#
# COMPACT_ATOMS: atom_id res chain seq x y z
N ALA A 12 19.31 -20.10 4.87
CA ALA A 12 19.08 -20.40 3.43
C ALA A 12 17.59 -20.34 3.04
N TYR A 13 16.69 -20.41 4.03
CA TYR A 13 15.24 -20.36 3.83
C TYR A 13 14.61 -19.35 4.75
N GLY A 14 13.52 -18.75 4.30
CA GLY A 14 12.77 -17.78 5.09
C GLY A 14 11.31 -17.80 4.70
N VAL A 15 10.46 -17.17 5.54
CA VAL A 15 9.02 -16.99 5.26
C VAL A 15 8.66 -15.53 5.56
N VAL A 16 7.90 -14.88 4.68
CA VAL A 16 7.49 -13.48 4.89
C VAL A 16 6.48 -13.41 6.05
N HIS A 17 6.70 -12.52 7.01
CA HIS A 17 5.82 -12.46 8.16
C HIS A 17 5.11 -11.07 8.34
N ILE A 18 5.03 -10.27 7.30
CA ILE A 18 4.24 -9.02 7.26
C ILE A 18 3.31 -9.12 6.04
N SER A 19 2.15 -8.42 6.03
CA SER A 19 1.17 -8.54 4.92
C SER A 19 1.81 -8.42 3.52
N VAL A 20 2.66 -7.40 3.33
CA VAL A 20 3.37 -7.10 2.07
C VAL A 20 4.78 -6.60 2.43
N CYS A 21 5.83 -7.27 1.91
CA CYS A 21 7.17 -6.77 2.16
C CYS A 21 7.69 -6.17 0.85
N ASN A 22 8.65 -5.23 0.96
CA ASN A 22 9.12 -4.45 -0.17
C ASN A 22 10.53 -4.82 -0.55
N MSE A 23 10.67 -5.60 -1.65
CA MSE A 23 11.97 -6.06 -2.13
C MSE A 23 12.60 -4.96 -2.99
O MSE A 23 11.92 -4.38 -3.85
CB MSE A 23 11.83 -7.39 -2.89
CG MSE A 23 11.44 -8.53 -1.95
SE MSE A 23 10.67 -10.04 -2.81
CE MSE A 23 12.18 -10.60 -3.95
N ARG A 24 13.89 -4.64 -2.73
CA ARG A 24 14.57 -3.53 -3.38
C ARG A 24 15.77 -4.00 -4.18
N ASP A 25 16.25 -3.14 -5.13
CA ASP A 25 17.40 -3.43 -6.00
CA ASP A 25 17.40 -3.45 -6.00
C ASP A 25 18.67 -3.68 -5.19
N GLU A 26 18.84 -2.94 -4.07
CA GLU A 26 19.98 -3.06 -3.16
C GLU A 26 19.48 -3.16 -1.71
N GLY A 27 20.35 -3.57 -0.79
CA GLY A 27 20.04 -3.70 0.63
C GLY A 27 20.03 -2.40 1.40
N LYS A 28 19.17 -1.46 0.98
CA LYS A 28 18.99 -0.12 1.58
C LYS A 28 17.65 0.48 1.11
N PHE A 29 16.99 1.27 1.97
CA PHE A 29 15.70 1.91 1.62
C PHE A 29 15.82 2.91 0.49
N THR A 30 17.01 3.52 0.34
CA THR A 30 17.29 4.53 -0.66
C THR A 30 17.60 3.90 -2.03
N SER A 31 17.24 2.63 -2.23
CA SER A 31 17.35 1.96 -3.52
C SER A 31 15.93 1.68 -3.97
N GLY A 32 15.72 1.61 -5.27
CA GLY A 32 14.39 1.43 -5.83
C GLY A 32 13.79 0.08 -5.54
N MSE A 33 12.47 0.06 -5.30
CA MSE A 33 11.71 -1.16 -5.08
C MSE A 33 11.63 -1.91 -6.42
O MSE A 33 11.43 -1.27 -7.47
CB MSE A 33 10.33 -0.84 -4.52
CG MSE A 33 9.77 -1.93 -3.60
SE MSE A 33 7.94 -1.62 -2.97
CE MSE A 33 8.01 0.35 -2.65
N SER A 34 11.82 -3.23 -6.39
CA SER A 34 11.81 -4.05 -7.60
C SER A 34 10.59 -4.95 -7.70
N THR A 35 10.06 -5.40 -6.54
CA THR A 35 8.88 -6.26 -6.42
C THR A 35 8.46 -6.35 -4.93
N GLN A 36 7.41 -7.14 -4.64
CA GLN A 36 6.88 -7.33 -3.28
C GLN A 36 6.46 -8.78 -3.03
N ALA A 37 6.63 -9.25 -1.80
CA ALA A 37 6.23 -10.62 -1.43
C ALA A 37 5.17 -10.53 -0.36
N LEU A 38 4.44 -11.62 -0.12
CA LEU A 38 3.27 -11.57 0.79
C LEU A 38 3.42 -12.41 2.03
N LEU A 39 2.62 -12.08 3.07
CA LEU A 39 2.58 -12.83 4.33
C LEU A 39 2.41 -14.33 4.09
N GLY A 40 3.29 -15.12 4.70
CA GLY A 40 3.26 -16.57 4.61
C GLY A 40 3.93 -17.18 3.40
N MSE A 41 4.46 -16.33 2.51
CA MSE A 41 5.09 -16.77 1.27
C MSE A 41 6.49 -17.29 1.56
O MSE A 41 7.30 -16.60 2.19
CB MSE A 41 5.15 -15.62 0.24
CG MSE A 41 5.57 -16.03 -1.18
SE MSE A 41 5.36 -14.52 -2.39
CE MSE A 41 3.48 -14.62 -2.68
N PRO A 42 6.78 -18.53 1.11
CA PRO A 42 8.13 -19.08 1.33
C PRO A 42 9.12 -18.41 0.35
N VAL A 43 10.34 -18.13 0.83
CA VAL A 43 11.38 -17.53 -0.01
C VAL A 43 12.72 -18.25 0.22
N LYS A 44 13.61 -18.17 -0.76
CA LYS A 44 14.97 -18.64 -0.54
C LYS A 44 15.78 -17.43 -0.06
N VAL A 45 16.73 -17.65 0.84
CA VAL A 45 17.60 -16.58 1.33
C VAL A 45 18.96 -16.78 0.67
N LEU A 46 19.41 -15.79 -0.13
CA LEU A 46 20.64 -15.88 -0.91
C LEU A 46 21.85 -15.31 -0.17
N GLN A 47 21.65 -14.29 0.67
CA GLN A 47 22.72 -13.73 1.47
C GLN A 47 22.17 -12.81 2.53
N TYR A 48 23.02 -12.50 3.53
CA TYR A 48 22.72 -11.62 4.65
C TYR A 48 23.88 -10.62 4.81
N THR A 49 23.55 -9.31 4.78
CA THR A 49 24.52 -8.20 4.92
C THR A 49 24.06 -7.20 5.98
N GLY A 50 22.95 -7.51 6.62
CA GLY A 50 22.23 -6.65 7.57
C GLY A 50 20.80 -6.62 7.05
N TRP A 51 20.71 -6.76 5.72
CA TRP A 51 19.56 -6.93 4.88
C TRP A 51 19.65 -8.34 4.26
N TYR A 52 18.52 -8.95 3.95
CA TYR A 52 18.49 -10.26 3.32
C TYR A 52 18.27 -10.13 1.83
N GLU A 53 19.06 -10.86 1.04
CA GLU A 53 18.76 -10.97 -0.39
C GLU A 53 17.92 -12.23 -0.51
N ILE A 54 16.67 -12.07 -0.93
CA ILE A 54 15.74 -13.19 -1.01
C ILE A 54 15.31 -13.43 -2.45
N GLN A 55 14.72 -14.60 -2.69
CA GLN A 55 14.21 -15.03 -3.99
C GLN A 55 12.80 -15.56 -3.81
N THR A 56 11.86 -14.95 -4.50
CA THR A 56 10.44 -15.33 -4.41
C THR A 56 10.13 -16.55 -5.35
N PRO A 57 8.94 -17.20 -5.19
CA PRO A 57 8.62 -18.38 -6.01
C PRO A 57 8.55 -18.17 -7.54
N ASP A 58 8.67 -16.92 -8.01
CA ASP A 58 8.71 -16.55 -9.42
C ASP A 58 10.18 -16.42 -9.92
N ASP A 59 11.15 -16.83 -9.07
CA ASP A 59 12.61 -16.78 -9.26
C ASP A 59 13.17 -15.34 -9.21
N TYR A 60 12.33 -14.32 -8.91
CA TYR A 60 12.78 -12.93 -8.82
C TYR A 60 13.58 -12.71 -7.51
N THR A 61 14.68 -11.95 -7.62
CA THR A 61 15.54 -11.66 -6.47
C THR A 61 15.45 -10.17 -6.10
N GLY A 62 15.51 -9.89 -4.79
CA GLY A 62 15.42 -8.53 -4.24
C GLY A 62 15.88 -8.51 -2.79
N TRP A 63 16.06 -7.30 -2.25
CA TRP A 63 16.52 -7.12 -0.88
C TRP A 63 15.46 -6.60 0.08
N VAL A 64 15.43 -7.17 1.31
CA VAL A 64 14.50 -6.76 2.37
C VAL A 64 15.27 -6.57 3.67
N HIS A 65 14.73 -5.73 4.56
CA HIS A 65 15.23 -5.49 5.90
C HIS A 65 15.15 -6.80 6.69
N ARG A 66 16.06 -7.00 7.64
CA ARG A 66 16.17 -8.22 8.44
C ARG A 66 14.88 -8.62 9.19
N MSE A 67 14.10 -7.63 9.64
CA MSE A 67 12.93 -7.88 10.47
C MSE A 67 11.65 -8.26 9.75
O MSE A 67 10.65 -8.48 10.44
CB MSE A 67 12.63 -6.66 11.35
CG MSE A 67 12.53 -7.04 12.83
SE MSE A 67 12.65 -5.49 13.98
CE MSE A 67 14.56 -4.95 13.54
N VAL A 68 11.63 -8.37 8.43
CA VAL A 68 10.35 -8.66 7.76
C VAL A 68 10.24 -10.15 7.36
N ILE A 69 11.31 -10.93 7.48
CA ILE A 69 11.19 -12.35 7.15
C ILE A 69 11.60 -13.19 8.36
N THR A 70 11.08 -14.41 8.43
CA THR A 70 11.46 -15.34 9.49
C THR A 70 12.42 -16.35 8.88
N PRO A 71 13.76 -16.26 9.16
CA PRO A 71 14.66 -17.30 8.62
C PRO A 71 14.34 -18.65 9.27
N MSE A 72 14.49 -19.73 8.52
CA MSE A 72 14.19 -21.07 9.00
C MSE A 72 15.15 -22.10 8.44
O MSE A 72 15.71 -21.89 7.37
CB MSE A 72 12.76 -21.47 8.55
CG MSE A 72 11.62 -20.79 9.33
SE MSE A 72 9.94 -21.48 8.71
CE MSE A 72 8.76 -20.01 9.38
N SER A 73 15.26 -23.22 9.14
CA SER A 73 16.00 -24.40 8.68
C SER A 73 15.16 -24.99 7.53
N LYS A 74 15.74 -25.85 6.69
CA LYS A 74 14.99 -26.46 5.58
C LYS A 74 13.79 -27.23 6.15
N GLU A 75 13.98 -27.89 7.31
CA GLU A 75 13.01 -28.69 8.06
C GLU A 75 11.79 -27.85 8.46
N LYS A 76 12.01 -26.70 9.10
CA LYS A 76 10.91 -25.84 9.54
C LYS A 76 10.26 -25.11 8.36
N TYR A 77 11.03 -24.79 7.32
CA TYR A 77 10.50 -24.20 6.10
C TYR A 77 9.57 -25.23 5.41
N ASP A 78 9.98 -26.51 5.38
CA ASP A 78 9.17 -27.57 4.80
C ASP A 78 7.89 -27.79 5.64
N GLU A 79 8.00 -27.70 6.97
CA GLU A 79 6.87 -27.86 7.88
C GLU A 79 5.87 -26.70 7.70
N TRP A 80 6.37 -25.44 7.54
CA TRP A 80 5.50 -24.30 7.27
C TRP A 80 4.72 -24.55 5.97
N ASN A 81 5.42 -24.99 4.92
CA ASN A 81 4.79 -25.22 3.63
C ASN A 81 3.76 -26.36 3.66
N ARG A 82 3.99 -27.40 4.49
CA ARG A 82 3.10 -28.57 4.65
CA ARG A 82 3.09 -28.56 4.60
C ARG A 82 1.80 -28.23 5.37
N ALA A 83 1.86 -27.35 6.40
CA ALA A 83 0.71 -26.99 7.22
C ALA A 83 -0.43 -26.38 6.40
N GLU A 84 -1.68 -26.83 6.67
CA GLU A 84 -2.82 -26.25 5.96
C GLU A 84 -2.96 -24.78 6.37
N LYS A 85 -3.14 -23.95 5.35
CA LYS A 85 -3.26 -22.52 5.55
C LYS A 85 -4.69 -22.08 5.55
N ILE A 86 -4.87 -20.90 6.09
CA ILE A 86 -6.01 -20.03 5.93
C ILE A 86 -5.52 -19.06 4.85
N VAL A 87 -6.27 -18.96 3.75
CA VAL A 87 -5.94 -18.07 2.62
C VAL A 87 -6.81 -16.83 2.72
N VAL A 88 -6.22 -15.64 2.60
CA VAL A 88 -6.95 -14.36 2.62
C VAL A 88 -7.46 -14.15 1.20
N THR A 89 -8.78 -14.04 1.07
CA THR A 89 -9.47 -13.94 -0.22
C THR A 89 -9.97 -12.50 -0.47
N SER A 90 -10.22 -11.72 0.59
CA SER A 90 -10.62 -10.31 0.42
C SER A 90 -9.39 -9.45 0.15
N HIS A 91 -9.55 -8.32 -0.58
CA HIS A 91 -8.42 -7.42 -0.83
C HIS A 91 -7.79 -6.93 0.46
N TYR A 92 -8.59 -6.45 1.43
CA TYR A 92 -8.07 -5.86 2.66
C TYR A 92 -8.76 -6.40 3.91
N GLY A 93 -8.04 -6.39 5.01
CA GLY A 93 -8.61 -6.76 6.30
C GLY A 93 -7.60 -6.73 7.41
N PHE A 94 -8.01 -7.26 8.56
CA PHE A 94 -7.18 -7.34 9.77
C PHE A 94 -7.32 -8.68 10.43
N THR A 95 -6.35 -9.01 11.30
CA THR A 95 -6.36 -10.18 12.20
C THR A 95 -6.46 -9.61 13.61
N TYR A 96 -7.04 -10.36 14.55
CA TYR A 96 -7.29 -9.85 15.89
C TYR A 96 -6.71 -10.76 16.94
N GLU A 97 -6.52 -10.21 18.15
CA GLU A 97 -6.00 -10.97 19.29
C GLU A 97 -7.04 -11.94 19.84
N LYS A 98 -8.33 -11.62 19.66
CA LYS A 98 -9.48 -12.39 20.13
C LYS A 98 -10.45 -12.67 18.97
N PRO A 99 -11.33 -13.70 19.05
CA PRO A 99 -12.32 -13.88 17.98
C PRO A 99 -13.46 -12.85 18.14
N ASP A 100 -13.09 -11.59 17.93
CA ASP A 100 -13.92 -10.39 18.08
C ASP A 100 -13.29 -9.31 17.23
N ASP A 101 -14.04 -8.73 16.29
CA ASP A 101 -13.46 -7.70 15.41
C ASP A 101 -13.35 -6.33 16.11
N ASP A 102 -13.74 -6.27 17.39
CA ASP A 102 -13.60 -5.06 18.22
C ASP A 102 -12.39 -5.18 19.16
N SER A 103 -11.66 -6.31 19.10
CA SER A 103 -10.46 -6.52 19.92
C SER A 103 -9.22 -5.96 19.19
N GLN A 104 -8.10 -5.82 19.92
CA GLN A 104 -6.85 -5.29 19.40
C GLN A 104 -6.38 -6.08 18.17
N THR A 105 -6.02 -5.37 17.09
CA THR A 105 -5.50 -6.01 15.89
C THR A 105 -4.07 -6.55 16.11
N VAL A 106 -3.67 -7.52 15.27
CA VAL A 106 -2.33 -8.11 15.25
C VAL A 106 -1.63 -7.55 13.99
N SER A 107 -2.30 -7.56 12.85
CA SER A 107 -1.78 -6.93 11.64
C SER A 107 -2.88 -6.73 10.62
N ASP A 108 -2.57 -6.00 9.57
CA ASP A 108 -3.44 -5.94 8.40
C ASP A 108 -3.15 -7.23 7.58
N VAL A 109 -4.01 -7.55 6.65
CA VAL A 109 -3.81 -8.63 5.71
C VAL A 109 -4.28 -8.12 4.35
N VAL A 110 -3.80 -8.75 3.27
CA VAL A 110 -4.24 -8.48 1.91
C VAL A 110 -4.53 -9.83 1.28
N ALA A 111 -5.30 -9.85 0.17
CA ALA A 111 -5.55 -11.09 -0.59
C ALA A 111 -4.22 -11.76 -0.94
N GLY A 112 -4.16 -13.08 -0.84
CA GLY A 112 -2.95 -13.84 -1.15
C GLY A 112 -2.15 -14.17 0.10
N ASN A 113 -2.38 -13.43 1.20
CA ASN A 113 -1.73 -13.73 2.49
C ASN A 113 -2.17 -15.11 2.94
N ARG A 114 -1.24 -15.87 3.53
CA ARG A 114 -1.50 -17.22 3.99
C ARG A 114 -0.90 -17.39 5.36
N LEU A 115 -1.72 -17.88 6.29
CA LEU A 115 -1.37 -18.10 7.66
C LEU A 115 -1.64 -19.54 8.03
N LYS A 116 -0.90 -20.06 9.02
CA LYS A 116 -1.06 -21.44 9.49
C LYS A 116 -2.40 -21.58 10.21
N TRP A 117 -3.25 -22.52 9.78
CA TRP A 117 -4.56 -22.77 10.40
C TRP A 117 -4.36 -23.50 11.74
N GLU A 118 -4.81 -22.89 12.86
CA GLU A 118 -4.64 -23.42 14.22
C GLU A 118 -5.95 -23.81 14.91
N GLY A 119 -7.08 -23.64 14.24
CA GLY A 119 -8.38 -23.94 14.84
C GLY A 119 -9.47 -22.96 14.42
N SER A 120 -10.62 -23.06 15.09
CA SER A 120 -11.78 -22.23 14.77
C SER A 120 -12.53 -21.85 16.03
N LYS A 121 -13.05 -20.61 16.09
CA LYS A 121 -13.84 -20.12 17.23
C LYS A 121 -14.81 -19.08 16.72
N GLY A 122 -16.09 -19.36 16.85
CA GLY A 122 -17.17 -18.49 16.36
C GLY A 122 -17.11 -18.42 14.85
N HIS A 123 -17.18 -17.19 14.30
CA HIS A 123 -17.09 -16.93 12.87
CA HIS A 123 -17.08 -16.97 12.86
C HIS A 123 -15.62 -16.62 12.50
N PHE A 124 -14.66 -17.09 13.30
CA PHE A 124 -13.23 -16.84 13.10
C PHE A 124 -12.39 -18.12 12.98
N TYR A 125 -11.24 -17.99 12.30
CA TYR A 125 -10.22 -19.03 12.25
C TYR A 125 -9.08 -18.60 13.12
N LYS A 126 -8.59 -19.51 13.96
CA LYS A 126 -7.40 -19.25 14.75
C LYS A 126 -6.21 -19.47 13.81
N VAL A 127 -5.28 -18.52 13.79
CA VAL A 127 -4.15 -18.58 12.87
C VAL A 127 -2.86 -18.28 13.58
N SER A 128 -1.73 -18.65 12.97
CA SER A 128 -0.45 -18.26 13.53
C SER A 128 0.46 -17.77 12.39
N TYR A 129 1.34 -16.83 12.71
CA TYR A 129 2.26 -16.18 11.80
C TYR A 129 3.56 -16.96 11.73
N PRO A 130 4.41 -16.76 10.68
CA PRO A 130 5.67 -17.50 10.63
C PRO A 130 6.60 -17.19 11.82
N ASP A 131 6.53 -15.95 12.35
CA ASP A 131 7.33 -15.48 13.47
C ASP A 131 6.83 -16.03 14.83
N GLY A 132 5.64 -16.60 14.88
CA GLY A 132 5.08 -17.12 16.12
C GLY A 132 3.83 -16.42 16.64
N ARG A 133 3.50 -15.19 16.18
CA ARG A 133 2.30 -14.49 16.64
C ARG A 133 1.06 -15.35 16.37
N GLN A 134 0.08 -15.29 17.29
CA GLN A 134 -1.21 -15.97 17.21
C GLN A 134 -2.28 -14.92 16.97
N ALA A 135 -3.29 -15.25 16.15
CA ALA A 135 -4.36 -14.29 15.87
C ALA A 135 -5.62 -15.01 15.47
N TYR A 136 -6.70 -14.25 15.24
CA TYR A 136 -7.98 -14.73 14.76
C TYR A 136 -8.32 -13.98 13.50
N ILE A 137 -8.85 -14.67 12.49
CA ILE A 137 -9.19 -14.00 11.25
C ILE A 137 -10.61 -14.40 10.86
N SER A 138 -11.40 -13.41 10.41
CA SER A 138 -12.80 -13.62 10.00
C SER A 138 -12.95 -14.57 8.80
N ARG A 139 -13.93 -15.50 8.89
CA ARG A 139 -14.28 -16.40 7.80
C ARG A 139 -14.90 -15.61 6.65
N HIS A 140 -15.25 -14.32 6.89
CA HIS A 140 -15.84 -13.46 5.84
C HIS A 140 -14.77 -12.95 4.88
N ILE A 141 -13.48 -12.93 5.30
CA ILE A 141 -12.41 -12.42 4.44
C ILE A 141 -11.38 -13.52 4.10
N SER A 142 -11.61 -14.74 4.56
CA SER A 142 -10.63 -15.81 4.39
C SER A 142 -11.28 -17.17 4.34
N GLN A 143 -10.53 -18.20 3.89
CA GLN A 143 -11.06 -19.56 3.92
C GLN A 143 -9.94 -20.60 3.97
N PRO A 144 -10.20 -21.81 4.51
CA PRO A 144 -9.18 -22.87 4.51
C PRO A 144 -8.68 -23.22 3.11
N GLU A 145 -7.36 -23.38 2.97
CA GLU A 145 -6.65 -23.65 1.73
C GLU A 145 -7.28 -24.80 0.92
N SER A 146 -7.61 -25.93 1.56
CA SER A 146 -8.21 -27.12 0.93
C SER A 146 -9.56 -26.80 0.30
N LYS A 147 -10.44 -26.10 1.05
CA LYS A 147 -11.76 -25.63 0.63
C LYS A 147 -11.61 -24.62 -0.52
N TRP A 148 -10.61 -23.72 -0.41
CA TRP A 148 -10.29 -22.68 -1.38
C TRP A 148 -9.82 -23.29 -2.71
N ARG A 149 -8.84 -24.23 -2.67
CA ARG A 149 -8.33 -24.92 -3.86
C ARG A 149 -9.43 -25.71 -4.60
N ALA A 150 -10.32 -26.39 -3.87
CA ALA A 150 -11.37 -27.21 -4.47
C ALA A 150 -12.41 -26.37 -5.24
N SER A 151 -12.68 -25.12 -4.80
CA SER A 151 -13.68 -24.28 -5.46
C SER A 151 -13.04 -23.30 -6.47
N LEU A 152 -11.70 -23.34 -6.62
CA LEU A 152 -10.98 -22.42 -7.52
C LEU A 152 -11.32 -22.60 -8.99
N LYS A 153 -11.41 -21.47 -9.69
CA LYS A 153 -11.57 -21.41 -11.13
C LYS A 153 -10.36 -20.67 -11.70
N GLN A 154 -9.85 -21.13 -12.84
CA GLN A 154 -8.64 -20.54 -13.42
C GLN A 154 -8.86 -20.18 -14.90
N ASP A 155 -10.13 -20.02 -15.31
CA ASP A 155 -10.50 -19.63 -16.67
C ASP A 155 -10.47 -18.10 -16.82
N ALA A 156 -10.50 -17.61 -18.08
CA ALA A 156 -10.43 -16.19 -18.40
C ALA A 156 -11.50 -15.38 -17.68
N GLU A 157 -12.76 -15.87 -17.67
CA GLU A 157 -13.88 -15.15 -17.03
C GLU A 157 -13.62 -14.94 -15.54
N SER A 158 -13.08 -15.96 -14.86
CA SER A 158 -12.78 -15.88 -13.43
C SER A 158 -11.66 -14.85 -13.16
N ILE A 159 -10.59 -14.82 -13.98
CA ILE A 159 -9.48 -13.88 -13.86
C ILE A 159 -9.94 -12.43 -14.14
N ILE A 160 -10.84 -12.23 -15.15
CA ILE A 160 -11.36 -10.88 -15.49
C ILE A 160 -12.26 -10.36 -14.34
N LYS A 161 -13.10 -11.24 -13.77
CA LYS A 161 -13.97 -10.92 -12.63
C LYS A 161 -13.11 -10.39 -11.46
N THR A 162 -11.96 -11.06 -11.17
CA THR A 162 -11.03 -10.58 -10.13
C THR A 162 -10.44 -9.22 -10.54
N ALA A 163 -10.00 -9.08 -11.82
CA ALA A 163 -9.38 -7.84 -12.30
C ALA A 163 -10.34 -6.65 -12.11
N TYR A 164 -11.67 -6.85 -12.35
CA TYR A 164 -12.68 -5.80 -12.17
C TYR A 164 -12.80 -5.37 -10.69
N THR A 165 -12.48 -6.26 -9.69
CA THR A 165 -12.59 -5.89 -8.28
C THR A 165 -11.41 -4.95 -7.88
N MSE A 166 -10.47 -4.74 -8.80
CA MSE A 166 -9.27 -3.94 -8.54
C MSE A 166 -9.30 -2.55 -9.18
O MSE A 166 -8.33 -1.78 -9.04
CB MSE A 166 -8.06 -4.73 -8.98
CG MSE A 166 -7.87 -5.97 -8.09
SE MSE A 166 -6.11 -6.64 -8.14
CE MSE A 166 -5.15 -5.15 -7.32
N ILE A 167 -10.40 -2.21 -9.88
CA ILE A 167 -10.55 -0.91 -10.52
C ILE A 167 -10.40 0.23 -9.50
N GLY A 168 -9.61 1.21 -9.91
CA GLY A 168 -9.34 2.42 -9.15
C GLY A 168 -8.18 2.31 -8.19
N ILE A 169 -7.70 1.08 -7.93
CA ILE A 169 -6.59 0.87 -7.00
C ILE A 169 -5.38 1.61 -7.58
N PRO A 170 -4.53 2.27 -6.74
CA PRO A 170 -3.43 3.05 -7.30
C PRO A 170 -2.36 2.26 -7.99
N TYR A 171 -1.74 2.89 -8.98
CA TYR A 171 -0.54 2.36 -9.58
C TYR A 171 0.57 2.61 -8.57
N LEU A 172 1.44 1.64 -8.42
CA LEU A 172 2.59 1.74 -7.57
C LEU A 172 3.72 0.99 -8.25
N TRP A 173 4.82 1.66 -8.56
CA TRP A 173 6.01 1.05 -9.17
C TRP A 173 6.46 -0.12 -8.28
N ALA A 174 6.56 -1.34 -8.88
CA ALA A 174 6.92 -2.63 -8.24
C ALA A 174 5.84 -3.14 -7.29
N GLY A 175 4.66 -2.49 -7.30
CA GLY A 175 3.50 -2.89 -6.51
C GLY A 175 3.03 -4.28 -6.92
N THR A 176 2.93 -5.22 -5.96
CA THR A 176 2.56 -6.62 -6.27
C THR A 176 1.50 -7.12 -5.28
N SER A 177 0.58 -6.25 -4.85
CA SER A 177 -0.48 -6.65 -3.90
C SER A 177 -1.69 -5.79 -4.09
N SER A 178 -2.77 -6.13 -3.38
CA SER A 178 -4.02 -5.36 -3.44
C SER A 178 -3.83 -3.88 -3.01
N LYS A 179 -2.78 -3.56 -2.25
CA LYS A 179 -2.48 -2.20 -1.79
C LYS A 179 -2.18 -1.21 -2.94
N GLY A 180 -1.50 -1.70 -3.98
CA GLY A 180 -1.07 -0.90 -5.13
C GLY A 180 -0.31 -1.77 -6.11
N VAL A 181 -0.48 -1.55 -7.43
CA VAL A 181 0.17 -2.44 -8.41
C VAL A 181 0.79 -1.65 -9.55
N ASP A 182 1.81 -2.22 -10.20
CA ASP A 182 2.30 -1.67 -11.46
C ASP A 182 1.64 -2.51 -12.61
N OCS A 183 2.05 -2.34 -13.86
CA OCS A 183 1.34 -3.03 -14.96
CB OCS A 183 1.70 -2.56 -16.41
SG OCS A 183 3.50 -2.34 -16.59
C OCS A 183 1.44 -4.58 -14.90
O OCS A 183 0.45 -5.27 -15.03
OD1 OCS A 183 4.32 -3.36 -16.20
OD2 OCS A 183 3.97 -1.37 -15.48
OD3 OCS A 183 3.83 -1.42 -17.62
N SER A 184 2.63 -5.10 -14.67
CA SER A 184 2.86 -6.55 -14.56
C SER A 184 2.43 -7.06 -13.17
N GLY A 185 2.46 -6.14 -12.19
CA GLY A 185 2.06 -6.38 -10.82
C GLY A 185 0.57 -6.65 -10.73
N LEU A 186 -0.23 -5.96 -11.56
CA LEU A 186 -1.68 -6.18 -11.62
C LEU A 186 -1.96 -7.59 -12.08
N VAL A 187 -1.28 -8.02 -13.16
CA VAL A 187 -1.42 -9.35 -13.74
C VAL A 187 -1.07 -10.38 -12.68
N ARG A 188 0.07 -10.19 -11.98
CA ARG A 188 0.48 -11.10 -10.94
C ARG A 188 -0.46 -11.15 -9.74
N THR A 189 -1.02 -10.03 -9.29
CA THR A 189 -1.90 -9.97 -8.11
C THR A 189 -3.20 -10.71 -8.39
N VAL A 190 -3.80 -10.43 -9.53
CA VAL A 190 -5.02 -11.07 -9.99
C VAL A 190 -4.77 -12.59 -10.10
N LEU A 191 -3.67 -12.98 -10.75
CA LEU A 191 -3.38 -14.39 -10.93
C LEU A 191 -3.11 -15.08 -9.59
N PHE A 192 -2.42 -14.41 -8.64
CA PHE A 192 -2.09 -15.06 -7.35
C PHE A 192 -3.36 -15.37 -6.56
N MSE A 193 -4.44 -14.61 -6.81
CA MSE A 193 -5.77 -14.80 -6.20
C MSE A 193 -6.46 -16.05 -6.80
O MSE A 193 -7.45 -16.54 -6.26
CB MSE A 193 -6.60 -13.51 -6.36
CG MSE A 193 -5.99 -12.37 -5.50
SE MSE A 193 -6.88 -10.68 -5.65
CE MSE A 193 -8.60 -11.17 -4.75
N HIS A 194 -5.89 -16.61 -7.86
CA HIS A 194 -6.34 -17.84 -8.52
C HIS A 194 -5.21 -18.88 -8.46
N ASP A 195 -4.30 -18.76 -7.47
CA ASP A 195 -3.17 -19.67 -7.16
C ASP A 195 -2.09 -19.72 -8.26
N ILE A 196 -2.12 -18.78 -9.22
CA ILE A 196 -1.17 -18.83 -10.34
C ILE A 196 -0.02 -17.86 -10.16
N ILE A 197 1.19 -18.34 -10.56
CA ILE A 197 2.45 -17.61 -10.62
C ILE A 197 2.96 -17.63 -12.07
N ILE A 198 3.28 -16.45 -12.62
CA ILE A 198 3.91 -16.31 -13.92
C ILE A 198 5.11 -15.34 -13.70
N PRO A 199 6.03 -15.07 -14.67
CA PRO A 199 7.17 -14.19 -14.37
C PRO A 199 6.75 -12.79 -13.90
N ARG A 200 7.64 -12.12 -13.17
CA ARG A 200 7.32 -10.81 -12.58
C ARG A 200 7.37 -9.65 -13.58
N ASP A 201 8.41 -9.58 -14.43
CA ASP A 201 8.60 -8.50 -15.39
C ASP A 201 7.69 -8.65 -16.57
N ALA A 202 7.19 -7.53 -17.10
CA ALA A 202 6.35 -7.50 -18.32
C ALA A 202 7.14 -8.08 -19.51
N SER A 203 8.49 -7.83 -19.55
CA SER A 203 9.44 -8.34 -20.54
C SER A 203 9.49 -9.87 -20.56
N GLN A 204 9.30 -10.50 -19.40
CA GLN A 204 9.33 -11.96 -19.29
C GLN A 204 7.94 -12.54 -19.50
N GLN A 205 6.88 -11.81 -19.10
CA GLN A 205 5.50 -12.25 -19.30
C GLN A 205 5.16 -12.38 -20.80
N ALA A 206 5.80 -11.54 -21.64
CA ALA A 206 5.61 -11.44 -23.09
C ALA A 206 6.06 -12.68 -23.82
N TYR A 207 6.91 -13.52 -23.17
CA TYR A 207 7.48 -14.68 -23.86
C TYR A 207 7.13 -16.01 -23.20
N VAL A 208 5.98 -16.05 -22.52
CA VAL A 208 5.41 -17.28 -21.95
C VAL A 208 4.03 -17.39 -22.59
N GLY A 209 3.55 -18.61 -22.80
CA GLY A 209 2.28 -18.80 -23.48
C GLY A 209 2.43 -18.65 -24.98
N GLU A 210 1.31 -18.59 -25.69
CA GLU A 210 1.28 -18.55 -27.15
C GLU A 210 1.18 -17.13 -27.63
N ARG A 211 2.14 -16.70 -28.46
CA ARG A 211 2.15 -15.35 -29.03
C ARG A 211 1.07 -15.24 -30.12
N ILE A 212 0.20 -14.23 -30.02
CA ILE A 212 -0.88 -13.99 -30.98
CA ILE A 212 -0.85 -14.01 -31.02
C ILE A 212 -0.58 -12.71 -31.76
N GLU A 213 -0.44 -12.81 -33.08
CA GLU A 213 -0.23 -11.67 -33.98
C GLU A 213 -1.62 -11.13 -34.21
N ILE A 214 -1.90 -9.96 -33.64
CA ILE A 214 -3.23 -9.35 -33.61
C ILE A 214 -3.73 -8.95 -35.00
N ALA A 215 -4.94 -9.43 -35.33
CA ALA A 215 -5.64 -9.11 -36.57
C ALA A 215 -6.14 -7.68 -36.50
N PRO A 216 -6.17 -6.93 -37.63
CA PRO A 216 -6.63 -5.53 -37.57
C PRO A 216 -7.96 -5.32 -36.83
N ASP A 217 -8.91 -6.26 -36.96
CA ASP A 217 -10.21 -6.11 -36.30
C ASP A 217 -10.22 -6.71 -34.87
N PHE A 218 -9.08 -7.27 -34.39
CA PHE A 218 -8.90 -7.90 -33.07
C PHE A 218 -9.69 -9.21 -32.92
N SER A 219 -10.27 -9.74 -34.01
CA SER A 219 -11.11 -10.94 -34.02
C SER A 219 -10.42 -12.20 -33.50
N ASN A 220 -9.06 -12.25 -33.53
CA ASN A 220 -8.31 -13.42 -33.09
C ASN A 220 -7.78 -13.22 -31.64
N VAL A 221 -8.17 -12.11 -30.98
CA VAL A 221 -7.78 -11.84 -29.58
C VAL A 221 -8.98 -12.17 -28.70
N GLN A 222 -8.73 -12.94 -27.66
CA GLN A 222 -9.74 -13.45 -26.72
C GLN A 222 -9.61 -12.83 -25.34
N ARG A 223 -10.73 -12.83 -24.59
CA ARG A 223 -10.84 -12.37 -23.20
C ARG A 223 -9.84 -13.14 -22.37
N GLY A 224 -9.06 -12.47 -21.53
CA GLY A 224 -8.08 -13.19 -20.73
C GLY A 224 -6.68 -13.25 -21.35
N ASP A 225 -6.57 -12.93 -22.66
CA ASP A 225 -5.25 -12.81 -23.28
C ASP A 225 -4.53 -11.58 -22.71
N LEU A 226 -3.22 -11.58 -22.72
CA LEU A 226 -2.49 -10.39 -22.30
C LEU A 226 -2.20 -9.58 -23.54
N VAL A 227 -2.10 -8.24 -23.44
CA VAL A 227 -1.76 -7.37 -24.54
C VAL A 227 -0.47 -6.65 -24.14
N PHE A 228 0.48 -6.61 -25.06
CA PHE A 228 1.80 -6.06 -24.82
C PHE A 228 2.06 -4.85 -25.70
N PHE A 229 2.70 -3.84 -25.11
CA PHE A 229 3.01 -2.55 -25.73
C PHE A 229 4.50 -2.26 -25.62
N GLY A 230 4.98 -1.44 -26.54
CA GLY A 230 6.38 -1.04 -26.57
C GLY A 230 6.87 -0.63 -27.94
N ARG A 231 8.20 -0.72 -28.13
CA ARG A 231 8.92 -0.42 -29.36
C ARG A 231 8.84 -1.62 -30.30
N LYS A 232 8.26 -1.41 -31.50
CA LYS A 232 8.12 -2.44 -32.53
C LYS A 232 9.49 -2.87 -33.03
N ALA A 233 9.64 -4.18 -33.32
CA ALA A 233 10.87 -4.73 -33.86
C ALA A 233 11.20 -4.11 -35.22
N THR A 234 12.44 -3.67 -35.40
CA THR A 234 12.98 -3.13 -36.66
C THR A 234 13.98 -4.17 -37.16
N ALA A 235 14.52 -4.00 -38.39
CA ALA A 235 15.50 -4.95 -38.92
C ALA A 235 16.82 -4.87 -38.13
N ASP A 236 17.15 -3.67 -37.61
CA ASP A 236 18.36 -3.38 -36.85
C ASP A 236 18.21 -3.51 -35.32
N ARG A 237 16.95 -3.50 -34.79
CA ARG A 237 16.73 -3.57 -33.34
C ARG A 237 15.53 -4.44 -32.97
N LYS A 238 15.70 -5.33 -31.97
CA LYS A 238 14.66 -6.22 -31.44
C LYS A 238 13.59 -5.41 -30.72
N GLU A 239 12.37 -5.96 -30.59
CA GLU A 239 11.25 -5.29 -29.92
C GLU A 239 11.53 -5.05 -28.42
N GLY A 240 10.98 -3.95 -27.91
CA GLY A 240 11.09 -3.57 -26.51
C GLY A 240 9.73 -3.62 -25.84
N ILE A 241 9.62 -4.29 -24.69
CA ILE A 241 8.37 -4.40 -23.95
C ILE A 241 8.37 -3.35 -22.84
N SER A 242 7.40 -2.40 -22.91
CA SER A 242 7.30 -1.32 -21.91
CA SER A 242 7.27 -1.30 -21.94
C SER A 242 6.01 -1.39 -21.09
N HIS A 243 4.99 -2.15 -21.54
CA HIS A 243 3.71 -2.17 -20.81
C HIS A 243 2.89 -3.41 -21.10
N VAL A 244 1.93 -3.74 -20.19
CA VAL A 244 1.08 -4.90 -20.35
C VAL A 244 -0.33 -4.65 -19.74
N GLY A 245 -1.33 -5.27 -20.36
CA GLY A 245 -2.72 -5.21 -19.95
C GLY A 245 -3.39 -6.54 -20.16
N ILE A 246 -4.61 -6.71 -19.63
CA ILE A 246 -5.39 -7.93 -19.81
C ILE A 246 -6.55 -7.60 -20.75
N TYR A 247 -6.69 -8.35 -21.85
CA TYR A 247 -7.76 -8.14 -22.85
C TYR A 247 -9.12 -8.55 -22.28
N LEU A 248 -10.15 -7.72 -22.50
CA LEU A 248 -11.51 -7.92 -22.01
C LEU A 248 -12.50 -8.23 -23.12
N GLY A 249 -12.02 -8.26 -24.36
CA GLY A 249 -12.86 -8.42 -25.53
C GLY A 249 -13.38 -7.05 -25.94
N ASN A 250 -14.01 -6.97 -27.13
CA ASN A 250 -14.59 -5.74 -27.67
C ASN A 250 -13.60 -4.54 -27.67
N LYS A 251 -12.30 -4.81 -27.97
CA LYS A 251 -11.23 -3.81 -28.15
C LYS A 251 -10.92 -3.06 -26.83
N ARG A 252 -11.27 -3.66 -25.71
CA ARG A 252 -11.02 -3.06 -24.41
C ARG A 252 -10.01 -3.90 -23.60
N PHE A 253 -9.31 -3.24 -22.67
CA PHE A 253 -8.32 -3.92 -21.81
C PHE A 253 -8.28 -3.24 -20.45
N ILE A 254 -7.91 -3.98 -19.42
CA ILE A 254 -7.75 -3.45 -18.07
C ILE A 254 -6.25 -3.39 -17.82
N HIS A 255 -5.79 -2.34 -17.17
CA HIS A 255 -4.37 -2.17 -16.92
C HIS A 255 -4.12 -1.15 -15.80
N ALA A 256 -2.88 -1.10 -15.32
CA ALA A 256 -2.48 -0.15 -14.29
C ALA A 256 -1.58 0.89 -14.93
N LEU A 257 -2.02 2.14 -14.86
CA LEU A 257 -1.34 3.33 -15.33
C LEU A 257 -2.02 4.51 -14.62
N GLY A 258 -1.38 5.03 -13.58
CA GLY A 258 -1.96 6.07 -12.72
C GLY A 258 -2.75 5.34 -11.65
N ASP A 259 -3.73 4.55 -12.10
CA ASP A 259 -4.55 3.64 -11.28
C ASP A 259 -4.96 2.43 -12.15
N VAL A 260 -5.69 1.48 -11.57
CA VAL A 260 -6.22 0.36 -12.34
C VAL A 260 -7.47 0.87 -13.05
N HIS A 261 -7.49 0.80 -14.39
CA HIS A 261 -8.67 1.26 -15.13
C HIS A 261 -8.83 0.51 -16.46
N ILE A 262 -9.99 0.72 -17.09
CA ILE A 262 -10.31 0.13 -18.39
C ILE A 262 -10.01 1.13 -19.46
N SER A 263 -9.38 0.67 -20.53
CA SER A 263 -9.05 1.47 -21.70
C SER A 263 -9.50 0.75 -22.96
N SER A 264 -9.52 1.46 -24.08
CA SER A 264 -9.94 0.92 -25.36
C SER A 264 -8.96 1.23 -26.48
N PHE A 265 -9.02 0.41 -27.56
CA PHE A 265 -8.27 0.61 -28.81
C PHE A 265 -9.19 1.30 -29.84
N ASP A 266 -10.46 1.53 -29.46
CA ASP A 266 -11.47 2.17 -30.32
C ASP A 266 -11.63 3.67 -29.97
N PRO A 267 -11.34 4.61 -30.93
CA PRO A 267 -11.51 6.06 -30.62
C PRO A 267 -12.98 6.48 -30.37
N GLU A 268 -13.95 5.59 -30.62
CA GLU A 268 -15.36 5.88 -30.35
C GLU A 268 -15.65 5.81 -28.84
N ASP A 269 -14.82 5.08 -28.09
CA ASP A 269 -14.97 4.91 -26.65
C ASP A 269 -14.36 6.06 -25.89
N GLU A 270 -15.03 6.52 -24.82
CA GLU A 270 -14.49 7.63 -24.02
C GLU A 270 -13.19 7.23 -23.35
N OCS A 271 -12.99 5.93 -23.05
CA OCS A 271 -11.76 5.48 -22.37
CB OCS A 271 -12.06 4.36 -21.37
SG OCS A 271 -13.15 3.00 -21.97
C OCS A 271 -10.65 5.08 -23.38
O OCS A 271 -9.67 4.46 -23.01
OD1 OCS A 271 -14.32 3.35 -22.82
OD2 OCS A 271 -12.22 2.43 -22.92
OD3 OCS A 271 -13.34 2.09 -20.95
N TYR A 272 -10.79 5.49 -24.64
CA TYR A 272 -9.76 5.26 -25.65
C TYR A 272 -8.38 5.74 -25.14
N ASP A 273 -7.39 4.86 -25.23
CA ASP A 273 -5.99 5.14 -24.87
C ASP A 273 -5.18 5.27 -26.16
N GLU A 274 -4.98 6.52 -26.61
CA GLU A 274 -4.28 6.79 -27.87
C GLU A 274 -2.80 6.36 -27.86
N PHE A 275 -2.06 6.75 -26.80
CA PHE A 275 -0.64 6.44 -26.70
C PHE A 275 -0.39 4.90 -26.71
N ASN A 276 -1.15 4.13 -25.93
CA ASN A 276 -0.93 2.69 -25.90
C ASN A 276 -1.50 1.99 -27.16
N THR A 277 -2.61 2.50 -27.76
CA THR A 277 -3.15 1.91 -29.00
C THR A 277 -2.05 1.94 -30.09
N GLY A 278 -1.34 3.08 -30.20
CA GLY A 278 -0.27 3.26 -31.17
C GLY A 278 1.00 2.46 -30.93
N ARG A 279 1.13 1.87 -29.71
CA ARG A 279 2.29 1.08 -29.29
C ARG A 279 1.97 -0.39 -29.09
N LEU A 280 0.73 -0.80 -29.42
CA LEU A 280 0.31 -2.20 -29.29
C LEU A 280 1.18 -3.09 -30.16
N LEU A 281 1.80 -4.14 -29.58
CA LEU A 281 2.70 -5.02 -30.35
C LEU A 281 2.07 -6.37 -30.68
N PHE A 282 1.53 -7.05 -29.68
CA PHE A 282 0.96 -8.38 -29.84
C PHE A 282 0.22 -8.76 -28.57
N ALA A 283 -0.42 -9.93 -28.59
CA ALA A 283 -1.14 -10.52 -27.46
C ALA A 283 -0.54 -11.87 -27.16
N THR A 284 -0.81 -12.43 -25.98
CA THR A 284 -0.37 -13.78 -25.62
C THR A 284 -1.53 -14.52 -24.96
N ARG A 285 -1.67 -15.81 -25.23
CA ARG A 285 -2.67 -16.67 -24.60
C ARG A 285 -1.89 -17.55 -23.62
N PHE A 286 -1.99 -17.27 -22.31
CA PHE A 286 -1.18 -18.00 -21.32
C PHE A 286 -1.99 -18.93 -20.41
N LEU A 287 -3.27 -18.64 -20.15
CA LEU A 287 -4.07 -19.45 -19.23
C LEU A 287 -4.14 -20.94 -19.61
N PRO A 288 -4.17 -21.40 -20.89
CA PRO A 288 -4.19 -22.86 -21.12
C PRO A 288 -2.85 -23.58 -20.79
N TYR A 289 -1.77 -22.82 -20.48
CA TYR A 289 -0.45 -23.43 -20.31
C TYR A 289 0.11 -23.38 -18.91
N ILE A 290 -0.74 -23.19 -17.90
CA ILE A 290 -0.26 -23.17 -16.49
C ILE A 290 0.12 -24.62 -16.15
N ASN A 291 1.33 -24.82 -15.55
CA ASN A 291 1.91 -26.11 -15.18
C ASN A 291 2.26 -26.95 -16.43
N LYS A 292 2.43 -26.29 -17.58
CA LYS A 292 2.74 -26.99 -18.85
C LYS A 292 3.96 -26.37 -19.53
N GLU A 293 4.47 -25.26 -18.99
CA GLU A 293 5.59 -24.49 -19.52
C GLU A 293 6.38 -23.87 -18.37
N LYS A 294 7.72 -23.77 -18.50
CA LYS A 294 8.57 -23.19 -17.44
C LYS A 294 8.22 -21.72 -17.19
N GLY A 295 8.18 -21.36 -15.92
CA GLY A 295 7.86 -20.00 -15.50
C GLY A 295 6.39 -19.79 -15.20
N MSE A 296 5.51 -20.76 -15.52
CA MSE A 296 4.06 -20.60 -15.24
C MSE A 296 3.55 -21.79 -14.45
O MSE A 296 3.58 -22.90 -14.95
CB MSE A 296 3.24 -20.41 -16.51
CG MSE A 296 3.65 -19.22 -17.33
SE MSE A 296 2.27 -18.84 -18.58
CE MSE A 296 2.52 -20.20 -19.73
N ASN A 297 3.07 -21.55 -13.20
CA ASN A 297 2.65 -22.66 -12.36
C ASN A 297 1.62 -22.26 -11.31
N THR A 298 1.10 -23.25 -10.55
CA THR A 298 0.21 -23.03 -9.39
C THR A 298 1.07 -23.31 -8.13
N THR A 299 0.73 -22.72 -6.96
CA THR A 299 1.57 -22.90 -5.76
C THR A 299 1.72 -24.38 -5.33
N ASP A 300 0.71 -25.24 -5.58
CA ASP A 300 0.85 -26.66 -5.22
C ASP A 300 1.68 -27.45 -6.29
N HIS A 301 2.24 -26.75 -7.30
CA HIS A 301 3.11 -27.33 -8.33
C HIS A 301 4.48 -26.60 -8.35
N ASN A 302 4.63 -25.63 -7.46
CA ASN A 302 5.79 -24.75 -7.38
C ASN A 302 6.74 -25.28 -6.33
N LEU A 303 7.99 -25.49 -6.75
CA LEU A 303 9.02 -26.14 -5.94
C LEU A 303 9.40 -25.34 -4.66
N TYR A 304 9.14 -24.02 -4.61
CA TYR A 304 9.40 -23.23 -3.40
C TYR A 304 8.42 -23.61 -2.27
N TYR A 305 7.26 -24.16 -2.66
CA TYR A 305 6.17 -24.57 -1.76
C TYR A 305 6.23 -26.02 -1.40
N LEU A 306 7.18 -26.77 -1.97
CA LEU A 306 7.24 -28.22 -1.77
C LEU A 306 8.62 -28.73 -1.40
N HIS A 307 8.69 -29.78 -0.57
CA HIS A 307 9.95 -30.42 -0.27
C HIS A 307 10.55 -30.99 -1.56
N HIS A 308 11.85 -30.75 -1.79
CA HIS A 308 12.58 -31.28 -2.95
C HIS A 308 14.08 -31.34 -2.64
N ALA B 12 -1.37 25.72 -11.75
CA ALA B 12 -0.75 26.12 -10.47
C ALA B 12 -1.37 25.41 -9.27
N TYR B 13 -2.57 24.84 -9.44
CA TYR B 13 -3.28 24.10 -8.39
C TYR B 13 -3.75 22.73 -8.90
N GLY B 14 -3.83 21.78 -7.98
CA GLY B 14 -4.28 20.43 -8.29
C GLY B 14 -4.91 19.80 -7.08
N VAL B 15 -5.63 18.68 -7.29
CA VAL B 15 -6.24 17.88 -6.22
C VAL B 15 -5.93 16.41 -6.51
N VAL B 16 -5.51 15.65 -5.49
CA VAL B 16 -5.21 14.22 -5.65
C VAL B 16 -6.51 13.45 -5.89
N HIS B 17 -6.54 12.58 -6.93
CA HIS B 17 -7.76 11.87 -7.25
C HIS B 17 -7.63 10.32 -7.19
N ILE B 18 -6.64 9.81 -6.50
CA ILE B 18 -6.47 8.37 -6.22
C ILE B 18 -6.29 8.23 -4.69
N SER B 19 -6.64 7.08 -4.09
CA SER B 19 -6.59 6.90 -2.61
C SER B 19 -5.27 7.38 -1.99
N VAL B 20 -4.13 6.95 -2.60
CA VAL B 20 -2.77 7.30 -2.16
C VAL B 20 -1.91 7.51 -3.40
N CYS B 21 -1.27 8.69 -3.53
CA CYS B 21 -0.38 8.88 -4.67
C CYS B 21 1.04 8.88 -4.15
N ASN B 22 1.99 8.53 -5.00
CA ASN B 22 3.39 8.31 -4.63
C ASN B 22 4.29 9.39 -5.16
N MSE B 23 4.67 10.34 -4.27
CA MSE B 23 5.52 11.48 -4.65
C MSE B 23 6.98 11.04 -4.62
O MSE B 23 7.40 10.40 -3.65
CB MSE B 23 5.27 12.69 -3.75
CG MSE B 23 3.88 13.27 -3.98
SE MSE B 23 3.22 14.34 -2.54
CE MSE B 23 4.55 15.79 -2.54
N ARG B 24 7.74 11.34 -5.68
CA ARG B 24 9.11 10.88 -5.85
C ARG B 24 10.12 12.03 -5.92
N ASP B 25 11.42 11.74 -5.68
CA ASP B 25 12.48 12.75 -5.69
C ASP B 25 12.65 13.38 -7.05
N GLU B 26 12.39 12.63 -8.12
CA GLU B 26 12.47 13.10 -9.50
C GLU B 26 11.22 12.67 -10.27
N GLY B 27 10.96 13.28 -11.42
CA GLY B 27 9.82 12.95 -12.29
C GLY B 27 9.99 11.69 -13.12
N LYS B 28 10.19 10.54 -12.45
CA LYS B 28 10.37 9.20 -13.03
C LYS B 28 10.17 8.13 -11.95
N PHE B 29 9.63 6.95 -12.32
CA PHE B 29 9.38 5.85 -11.38
C PHE B 29 10.67 5.26 -10.79
N THR B 30 11.76 5.38 -11.53
CA THR B 30 13.07 4.85 -11.14
C THR B 30 13.79 5.81 -10.18
N SER B 31 13.07 6.78 -9.59
CA SER B 31 13.61 7.64 -8.54
C SER B 31 12.88 7.28 -7.26
N GLY B 32 13.55 7.48 -6.15
CA GLY B 32 13.00 7.09 -4.86
C GLY B 32 11.79 7.86 -4.43
N MSE B 33 10.85 7.17 -3.79
CA MSE B 33 9.65 7.78 -3.24
C MSE B 33 10.07 8.63 -2.03
O MSE B 33 10.95 8.21 -1.26
CB MSE B 33 8.63 6.70 -2.85
CG MSE B 33 7.18 7.18 -2.97
SE MSE B 33 5.86 5.89 -2.31
CE MSE B 33 6.67 4.19 -3.04
N SER B 34 9.50 9.83 -1.92
CA SER B 34 9.87 10.77 -0.84
C SER B 34 8.76 10.96 0.18
N THR B 35 7.49 10.84 -0.27
CA THR B 35 6.28 10.96 0.57
C THR B 35 5.06 10.53 -0.26
N GLN B 36 3.88 10.61 0.36
CA GLN B 36 2.61 10.25 -0.29
C GLN B 36 1.54 11.26 0.05
N ALA B 37 0.57 11.49 -0.88
CA ALA B 37 -0.57 12.38 -0.65
C ALA B 37 -1.83 11.56 -0.79
N LEU B 38 -2.97 12.08 -0.30
CA LEU B 38 -4.20 11.31 -0.26
C LEU B 38 -5.30 11.84 -1.13
N LEU B 39 -6.27 10.98 -1.49
CA LEU B 39 -7.46 11.36 -2.26
C LEU B 39 -8.14 12.58 -1.67
N GLY B 40 -8.37 13.57 -2.53
CA GLY B 40 -9.08 14.79 -2.18
C GLY B 40 -8.21 15.88 -1.58
N MSE B 41 -6.90 15.59 -1.40
CA MSE B 41 -5.96 16.52 -0.77
C MSE B 41 -5.58 17.61 -1.77
O MSE B 41 -5.14 17.30 -2.88
CB MSE B 41 -4.71 15.77 -0.27
CG MSE B 41 -3.79 16.58 0.64
SE MSE B 41 -2.41 15.43 1.39
CE MSE B 41 -3.43 14.66 2.80
N PRO B 42 -5.75 18.89 -1.38
CA PRO B 42 -5.34 19.98 -2.28
C PRO B 42 -3.81 20.09 -2.31
N VAL B 43 -3.25 20.38 -3.49
CA VAL B 43 -1.80 20.54 -3.64
C VAL B 43 -1.50 21.76 -4.52
N LYS B 44 -0.30 22.34 -4.35
CA LYS B 44 0.19 23.40 -5.23
C LYS B 44 0.97 22.69 -6.33
N VAL B 45 0.81 23.10 -7.62
CA VAL B 45 1.55 22.53 -8.74
C VAL B 45 2.68 23.49 -9.04
N LEU B 46 3.94 23.02 -8.92
CA LEU B 46 5.13 23.85 -9.10
C LEU B 46 5.66 23.84 -10.53
N GLN B 47 5.52 22.70 -11.22
CA GLN B 47 5.93 22.60 -12.62
C GLN B 47 5.38 21.35 -13.24
N TYR B 48 5.40 21.32 -14.57
CA TYR B 48 4.97 20.21 -15.41
C TYR B 48 6.05 19.92 -16.45
N THR B 49 6.50 18.67 -16.50
CA THR B 49 7.55 18.22 -17.42
C THR B 49 7.10 16.96 -18.18
N GLY B 50 5.93 16.46 -17.83
CA GLY B 50 5.34 15.20 -18.27
C GLY B 50 4.82 14.55 -17.01
N TRP B 51 5.53 14.89 -15.92
CA TRP B 51 5.25 14.61 -14.52
C TRP B 51 4.99 15.97 -13.85
N TYR B 52 4.23 15.98 -12.77
CA TYR B 52 3.94 17.20 -12.02
C TYR B 52 4.81 17.28 -10.79
N GLU B 53 5.42 18.45 -10.54
CA GLU B 53 6.10 18.66 -9.27
C GLU B 53 5.05 19.34 -8.40
N ILE B 54 4.64 18.67 -7.32
CA ILE B 54 3.59 19.17 -6.48
C ILE B 54 4.11 19.44 -5.08
N GLN B 55 3.33 20.22 -4.31
CA GLN B 55 3.63 20.57 -2.95
C GLN B 55 2.41 20.30 -2.08
N THR B 56 2.57 19.44 -1.08
CA THR B 56 1.47 19.06 -0.19
C THR B 56 1.27 20.13 0.95
N PRO B 57 0.14 20.07 1.70
CA PRO B 57 -0.13 21.08 2.75
C PRO B 57 0.89 21.16 3.90
N ASP B 58 1.88 20.24 3.93
CA ASP B 58 2.97 20.23 4.90
C ASP B 58 4.23 20.93 4.33
N ASP B 59 4.08 21.59 3.16
CA ASP B 59 5.11 22.30 2.39
C ASP B 59 6.13 21.34 1.72
N TYR B 60 5.94 20.00 1.83
CA TYR B 60 6.84 19.02 1.20
C TYR B 60 6.60 18.97 -0.33
N THR B 61 7.69 18.87 -1.10
CA THR B 61 7.63 18.83 -2.56
C THR B 61 8.09 17.45 -3.06
N GLY B 62 7.45 16.98 -4.13
CA GLY B 62 7.71 15.69 -4.75
C GLY B 62 7.09 15.60 -6.13
N TRP B 63 7.44 14.57 -6.89
CA TRP B 63 6.96 14.38 -8.26
C TRP B 63 5.96 13.23 -8.42
N VAL B 64 4.91 13.46 -9.21
CA VAL B 64 3.89 12.45 -9.49
C VAL B 64 3.63 12.41 -10.99
N HIS B 65 3.18 11.25 -11.48
CA HIS B 65 2.74 11.02 -12.85
C HIS B 65 1.55 11.95 -13.13
N ARG B 66 1.41 12.38 -14.39
CA ARG B 66 0.36 13.31 -14.84
C ARG B 66 -1.10 12.85 -14.49
N MSE B 67 -1.37 11.54 -14.52
CA MSE B 67 -2.72 11.01 -14.35
C MSE B 67 -3.21 10.84 -12.93
O MSE B 67 -4.34 10.41 -12.77
CB MSE B 67 -2.85 9.66 -15.05
CG MSE B 67 -4.01 9.63 -16.02
SE MSE B 67 -3.98 8.14 -17.25
CE MSE B 67 -2.24 8.43 -18.10
N VAL B 68 -2.43 11.19 -11.89
CA VAL B 68 -2.93 10.97 -10.53
C VAL B 68 -3.49 12.25 -9.88
N ILE B 69 -3.32 13.40 -10.51
CA ILE B 69 -3.88 14.60 -9.91
C ILE B 69 -4.80 15.28 -10.92
N THR B 70 -5.76 16.07 -10.39
CA THR B 70 -6.66 16.83 -11.26
C THR B 70 -6.17 18.28 -11.21
N PRO B 71 -5.50 18.81 -12.26
CA PRO B 71 -5.12 20.25 -12.22
C PRO B 71 -6.38 21.09 -12.25
N MSE B 72 -6.35 22.22 -11.56
CA MSE B 72 -7.50 23.13 -11.49
C MSE B 72 -7.08 24.58 -11.48
O MSE B 72 -5.97 24.92 -11.05
CB MSE B 72 -8.29 22.86 -10.18
CG MSE B 72 -9.11 21.56 -10.19
SE MSE B 72 -10.05 21.44 -8.51
CE MSE B 72 -10.48 19.48 -8.56
N SER B 73 -7.99 25.45 -11.89
CA SER B 73 -7.84 26.90 -11.77
C SER B 73 -7.92 27.23 -10.27
N LYS B 74 -7.48 28.43 -9.84
CA LYS B 74 -7.58 28.82 -8.42
CA LYS B 74 -7.57 28.85 -8.44
C LYS B 74 -9.03 28.74 -7.96
N GLU B 75 -9.95 29.15 -8.82
CA GLU B 75 -11.41 29.19 -8.64
C GLU B 75 -11.97 27.80 -8.32
N LYS B 76 -11.66 26.83 -9.18
CA LYS B 76 -12.12 25.45 -9.05
C LYS B 76 -11.49 24.76 -7.85
N TYR B 77 -10.21 25.07 -7.56
CA TYR B 77 -9.48 24.54 -6.40
C TYR B 77 -10.12 25.10 -5.10
N ASP B 78 -10.49 26.38 -5.11
CA ASP B 78 -11.14 27.01 -3.96
C ASP B 78 -12.54 26.41 -3.74
N GLU B 79 -13.27 26.11 -4.83
CA GLU B 79 -14.59 25.50 -4.78
C GLU B 79 -14.50 24.04 -4.22
N TRP B 80 -13.46 23.26 -4.64
CA TRP B 80 -13.24 21.92 -4.11
C TRP B 80 -13.03 22.02 -2.59
N ASN B 81 -12.17 22.95 -2.16
CA ASN B 81 -11.85 23.10 -0.73
C ASN B 81 -13.06 23.59 0.10
N ARG B 82 -13.97 24.39 -0.49
CA ARG B 82 -15.18 24.86 0.22
C ARG B 82 -16.22 23.80 0.41
N ALA B 83 -16.39 22.90 -0.58
CA ALA B 83 -17.43 21.87 -0.52
C ALA B 83 -17.29 20.96 0.70
N GLU B 84 -18.41 20.70 1.42
CA GLU B 84 -18.32 19.77 2.54
C GLU B 84 -17.96 18.38 2.03
N LYS B 85 -17.02 17.77 2.74
CA LYS B 85 -16.51 16.47 2.38
C LYS B 85 -17.14 15.38 3.21
N ILE B 86 -17.01 14.18 2.68
CA ILE B 86 -17.16 12.92 3.35
C ILE B 86 -15.71 12.55 3.67
N VAL B 87 -15.42 12.31 4.95
CA VAL B 87 -14.08 11.94 5.41
C VAL B 87 -14.04 10.44 5.65
N VAL B 88 -13.03 9.72 5.12
CA VAL B 88 -12.86 8.28 5.33
C VAL B 88 -12.16 8.13 6.68
N THR B 89 -12.82 7.43 7.61
CA THR B 89 -12.37 7.25 8.99
C THR B 89 -11.81 5.84 9.22
N SER B 90 -12.23 4.83 8.41
CA SER B 90 -11.66 3.48 8.53
C SER B 90 -10.34 3.41 7.82
N HIS B 91 -9.44 2.48 8.23
CA HIS B 91 -8.15 2.33 7.55
C HIS B 91 -8.34 1.99 6.07
N TYR B 92 -9.19 1.00 5.75
CA TYR B 92 -9.38 0.51 4.38
C TYR B 92 -10.83 0.37 4.01
N GLY B 93 -11.09 0.47 2.72
CA GLY B 93 -12.43 0.26 2.18
C GLY B 93 -12.51 0.53 0.70
N PHE B 94 -13.74 0.55 0.20
CA PHE B 94 -14.05 0.79 -1.21
C PHE B 94 -15.21 1.73 -1.36
N THR B 95 -15.35 2.32 -2.57
CA THR B 95 -16.51 3.13 -3.00
C THR B 95 -17.16 2.32 -4.10
N TYR B 96 -18.49 2.49 -4.28
CA TYR B 96 -19.24 1.68 -5.25
C TYR B 96 -19.98 2.53 -6.25
N GLU B 97 -20.36 1.93 -7.36
CA GLU B 97 -21.11 2.60 -8.42
C GLU B 97 -22.57 2.81 -7.99
N LYS B 98 -23.07 1.93 -7.11
CA LYS B 98 -24.46 1.93 -6.60
C LYS B 98 -24.45 1.90 -5.07
N PRO B 99 -25.53 2.33 -4.36
CA PRO B 99 -25.56 2.19 -2.89
C PRO B 99 -25.84 0.73 -2.53
N ASP B 100 -24.86 -0.13 -2.83
CA ASP B 100 -24.86 -1.58 -2.66
C ASP B 100 -23.41 -2.03 -2.62
N ASP B 101 -22.98 -2.69 -1.55
CA ASP B 101 -21.58 -3.10 -1.44
C ASP B 101 -21.27 -4.36 -2.30
N ASP B 102 -22.27 -4.85 -3.06
CA ASP B 102 -22.09 -5.96 -3.98
C ASP B 102 -21.98 -5.44 -5.42
N SER B 103 -22.09 -4.10 -5.62
CA SER B 103 -21.99 -3.51 -6.95
C SER B 103 -20.52 -3.23 -7.30
N GLN B 104 -20.24 -2.93 -8.57
CA GLN B 104 -18.91 -2.65 -9.07
C GLN B 104 -18.25 -1.51 -8.28
N THR B 105 -17.01 -1.73 -7.82
CA THR B 105 -16.26 -0.71 -7.10
C THR B 105 -15.79 0.40 -8.06
N VAL B 106 -15.51 1.60 -7.49
CA VAL B 106 -14.98 2.77 -8.21
C VAL B 106 -13.51 2.87 -7.83
N SER B 107 -13.20 2.82 -6.54
CA SER B 107 -11.81 2.76 -6.10
C SER B 107 -11.72 2.24 -4.67
N ASP B 108 -10.51 1.99 -4.22
CA ASP B 108 -10.25 1.73 -2.83
C ASP B 108 -10.21 3.12 -2.14
N VAL B 109 -10.28 3.14 -0.82
CA VAL B 109 -10.11 4.34 -0.01
C VAL B 109 -9.27 3.96 1.19
N VAL B 110 -8.61 4.93 1.80
CA VAL B 110 -7.89 4.76 3.05
C VAL B 110 -8.32 5.89 3.97
N ALA B 111 -8.11 5.77 5.29
CA ALA B 111 -8.38 6.84 6.25
C ALA B 111 -7.69 8.12 5.82
N GLY B 112 -8.37 9.26 5.96
CA GLY B 112 -7.83 10.55 5.57
C GLY B 112 -8.28 10.98 4.18
N ASN B 113 -8.74 10.02 3.35
CA ASN B 113 -9.31 10.33 2.04
C ASN B 113 -10.55 11.21 2.23
N ARG B 114 -10.73 12.19 1.34
CA ARG B 114 -11.84 13.13 1.42
C ARG B 114 -12.43 13.29 0.05
N LEU B 115 -13.75 13.14 -0.01
CA LEU B 115 -14.52 13.22 -1.22
C LEU B 115 -15.62 14.24 -1.06
N LYS B 116 -16.05 14.86 -2.17
CA LYS B 116 -17.14 15.85 -2.16
C LYS B 116 -18.46 15.17 -1.84
N TRP B 117 -19.16 15.63 -0.79
CA TRP B 117 -20.45 15.08 -0.38
C TRP B 117 -21.55 15.54 -1.38
N GLU B 118 -22.22 14.57 -2.04
CA GLU B 118 -23.25 14.83 -3.07
C GLU B 118 -24.66 14.37 -2.69
N GLY B 119 -24.83 13.85 -1.49
CA GLY B 119 -26.13 13.32 -1.05
C GLY B 119 -26.04 12.03 -0.25
N SER B 120 -27.19 11.39 -0.01
CA SER B 120 -27.27 10.20 0.81
C SER B 120 -28.31 9.24 0.27
N LYS B 121 -28.05 7.93 0.37
CA LYS B 121 -29.01 6.91 -0.07
C LYS B 121 -28.75 5.65 0.73
N GLY B 122 -29.75 5.27 1.54
CA GLY B 122 -29.67 4.10 2.41
C GLY B 122 -28.59 4.32 3.46
N HIS B 123 -27.67 3.32 3.64
CA HIS B 123 -26.54 3.42 4.58
CA HIS B 123 -26.56 3.46 4.60
C HIS B 123 -25.31 3.97 3.86
N PHE B 124 -25.52 4.67 2.73
CA PHE B 124 -24.43 5.23 1.93
C PHE B 124 -24.47 6.77 1.76
N TYR B 125 -23.31 7.36 1.52
CA TYR B 125 -23.18 8.76 1.13
C TYR B 125 -22.84 8.77 -0.34
N LYS B 126 -23.52 9.62 -1.11
CA LYS B 126 -23.17 9.83 -2.50
C LYS B 126 -21.97 10.78 -2.50
N VAL B 127 -20.94 10.45 -3.25
CA VAL B 127 -19.71 11.24 -3.26
C VAL B 127 -19.23 11.47 -4.68
N SER B 128 -18.34 12.45 -4.86
CA SER B 128 -17.74 12.64 -6.18
C SER B 128 -16.25 12.91 -5.99
N TYR B 129 -15.46 12.46 -6.96
CA TYR B 129 -14.00 12.54 -6.98
C TYR B 129 -13.58 13.86 -7.62
N PRO B 130 -12.32 14.33 -7.41
CA PRO B 130 -11.89 15.59 -8.04
C PRO B 130 -11.93 15.55 -9.56
N ASP B 131 -11.70 14.35 -10.16
CA ASP B 131 -11.71 14.13 -11.61
C ASP B 131 -13.13 14.07 -12.21
N GLY B 132 -14.15 13.94 -11.37
CA GLY B 132 -15.54 13.86 -11.85
C GLY B 132 -16.26 12.55 -11.59
N ARG B 133 -15.55 11.46 -11.27
CA ARG B 133 -16.23 10.18 -10.98
C ARG B 133 -17.22 10.35 -9.82
N GLN B 134 -18.33 9.64 -9.90
CA GLN B 134 -19.41 9.61 -8.89
C GLN B 134 -19.38 8.23 -8.23
N ALA B 135 -19.63 8.17 -6.92
CA ALA B 135 -19.63 6.90 -6.23
C ALA B 135 -20.50 6.96 -4.99
N TYR B 136 -20.63 5.82 -4.28
CA TYR B 136 -21.33 5.69 -3.01
C TYR B 136 -20.37 5.13 -2.01
N ILE B 137 -20.39 5.67 -0.79
CA ILE B 137 -19.46 5.18 0.24
C ILE B 137 -20.25 4.89 1.51
N SER B 138 -20.00 3.75 2.14
CA SER B 138 -20.73 3.37 3.36
C SER B 138 -20.55 4.35 4.51
N ARG B 139 -21.63 4.52 5.28
CA ARG B 139 -21.68 5.32 6.53
C ARG B 139 -20.84 4.63 7.61
N HIS B 140 -20.49 3.35 7.42
CA HIS B 140 -19.74 2.57 8.40
C HIS B 140 -18.23 2.85 8.34
N ILE B 141 -17.74 3.45 7.24
CA ILE B 141 -16.29 3.69 7.08
C ILE B 141 -15.97 5.16 6.91
N SER B 142 -16.99 6.03 6.96
CA SER B 142 -16.82 7.43 6.69
C SER B 142 -17.92 8.29 7.31
N GLN B 143 -17.68 9.60 7.41
CA GLN B 143 -18.71 10.49 7.96
C GLN B 143 -18.58 11.91 7.42
N PRO B 144 -19.66 12.72 7.44
CA PRO B 144 -19.56 14.11 6.97
C PRO B 144 -18.53 14.91 7.78
N GLU B 145 -17.73 15.71 7.07
CA GLU B 145 -16.66 16.52 7.62
C GLU B 145 -17.07 17.35 8.83
N SER B 146 -18.23 18.03 8.78
CA SER B 146 -18.74 18.88 9.88
C SER B 146 -19.00 18.09 11.15
N LYS B 147 -19.68 16.95 11.03
CA LYS B 147 -19.97 16.04 12.13
C LYS B 147 -18.61 15.48 12.67
N TRP B 148 -17.72 15.07 11.76
CA TRP B 148 -16.42 14.52 12.06
C TRP B 148 -15.58 15.50 12.87
N ARG B 149 -15.45 16.78 12.41
CA ARG B 149 -14.71 17.83 13.14
C ARG B 149 -15.27 18.11 14.53
N ALA B 150 -16.60 18.13 14.68
CA ALA B 150 -17.21 18.44 15.97
C ALA B 150 -17.01 17.32 17.00
N SER B 151 -16.82 16.09 16.54
CA SER B 151 -16.67 14.92 17.39
C SER B 151 -15.22 14.61 17.70
N LEU B 152 -14.28 15.26 16.98
CA LEU B 152 -12.85 15.00 17.05
C LEU B 152 -12.21 15.28 18.39
N LYS B 153 -11.27 14.42 18.77
CA LYS B 153 -10.44 14.60 19.96
C LYS B 153 -8.98 14.72 19.46
N GLN B 154 -8.20 15.57 20.08
CA GLN B 154 -6.81 15.78 19.63
C GLN B 154 -5.82 15.66 20.81
N ASP B 155 -6.25 14.97 21.89
CA ASP B 155 -5.42 14.74 23.07
C ASP B 155 -4.53 13.50 22.88
N ALA B 156 -3.53 13.33 23.73
CA ALA B 156 -2.59 12.21 23.68
C ALA B 156 -3.28 10.85 23.65
N GLU B 157 -4.29 10.65 24.54
CA GLU B 157 -5.00 9.36 24.63
C GLU B 157 -5.66 9.01 23.31
N SER B 158 -6.29 10.01 22.65
CA SER B 158 -6.95 9.80 21.38
C SER B 158 -5.96 9.42 20.27
N ILE B 159 -4.78 10.10 20.21
CA ILE B 159 -3.73 9.84 19.21
C ILE B 159 -3.10 8.43 19.44
N ILE B 160 -2.90 8.01 20.71
CA ILE B 160 -2.35 6.68 21.04
C ILE B 160 -3.33 5.58 20.63
N LYS B 161 -4.64 5.78 20.91
CA LYS B 161 -5.71 4.87 20.56
C LYS B 161 -5.68 4.61 19.04
N THR B 162 -5.51 5.69 18.22
CA THR B 162 -5.39 5.53 16.76
C THR B 162 -4.12 4.76 16.42
N ALA B 163 -2.96 5.10 17.05
CA ALA B 163 -1.68 4.44 16.79
C ALA B 163 -1.78 2.93 17.04
N TYR B 164 -2.51 2.50 18.08
CA TYR B 164 -2.71 1.07 18.39
C TYR B 164 -3.51 0.35 17.29
N THR B 165 -4.39 1.05 16.53
CA THR B 165 -5.17 0.40 15.46
C THR B 165 -4.26 0.11 14.23
N MSE B 166 -3.01 0.59 14.28
CA MSE B 166 -2.06 0.43 13.17
C MSE B 166 -0.97 -0.62 13.42
O MSE B 166 -0.09 -0.80 12.56
CB MSE B 166 -1.44 1.80 12.88
CG MSE B 166 -2.50 2.76 12.32
SE MSE B 166 -1.74 4.23 11.38
CE MSE B 166 -0.96 3.28 9.93
N ILE B 167 -1.04 -1.32 14.54
CA ILE B 167 -0.06 -2.36 14.89
C ILE B 167 -0.04 -3.45 13.82
N GLY B 168 1.18 -3.81 13.45
CA GLY B 168 1.47 -4.86 12.48
C GLY B 168 1.52 -4.39 11.05
N ILE B 169 1.02 -3.16 10.77
CA ILE B 169 0.98 -2.60 9.41
C ILE B 169 2.43 -2.50 8.94
N PRO B 170 2.73 -2.81 7.65
CA PRO B 170 4.12 -2.80 7.21
C PRO B 170 4.81 -1.46 7.22
N TYR B 171 6.12 -1.51 7.41
CA TYR B 171 6.96 -0.36 7.21
C TYR B 171 7.08 -0.22 5.69
N LEU B 172 7.05 1.01 5.20
CA LEU B 172 7.23 1.31 3.79
C LEU B 172 7.94 2.63 3.70
N TRP B 173 9.18 2.63 3.16
CA TRP B 173 9.95 3.86 2.98
C TRP B 173 9.07 4.92 2.28
N ALA B 174 8.93 6.11 2.92
CA ALA B 174 8.13 7.27 2.47
C ALA B 174 6.61 6.98 2.56
N GLY B 175 6.25 5.88 3.23
CA GLY B 175 4.85 5.50 3.42
C GLY B 175 4.13 6.52 4.29
N THR B 176 3.00 7.04 3.78
CA THR B 176 2.32 8.09 4.53
C THR B 176 0.83 7.79 4.52
N SER B 177 0.44 6.51 4.66
CA SER B 177 -0.98 6.17 4.72
C SER B 177 -1.18 4.91 5.50
N SER B 178 -2.47 4.52 5.71
CA SER B 178 -2.82 3.25 6.39
C SER B 178 -2.25 2.01 5.64
N LYS B 179 -1.95 2.14 4.33
CA LYS B 179 -1.39 1.02 3.52
C LYS B 179 0.02 0.56 4.00
N GLY B 180 0.84 1.49 4.48
CA GLY B 180 2.20 1.22 4.96
C GLY B 180 2.83 2.53 5.34
N VAL B 181 3.68 2.55 6.36
CA VAL B 181 4.20 3.83 6.87
C VAL B 181 5.68 3.75 7.18
N ASP B 182 6.38 4.87 7.14
CA ASP B 182 7.74 4.87 7.67
C ASP B 182 7.63 5.44 9.09
N OCS B 183 8.73 5.76 9.74
CA OCS B 183 8.68 6.19 11.14
CB OCS B 183 10.00 6.20 11.91
SG OCS B 183 11.32 6.88 10.89
C OCS B 183 7.97 7.51 11.30
O OCS B 183 7.04 7.58 12.08
OD1 OCS B 183 11.12 8.02 10.11
OD2 OCS B 183 11.41 5.77 9.74
OD3 OCS B 183 12.59 6.67 11.49
N SER B 184 8.40 8.55 10.56
CA SER B 184 7.73 9.88 10.56
C SER B 184 6.34 9.79 9.87
N GLY B 185 6.22 8.85 8.93
CA GLY B 185 5.00 8.55 8.21
C GLY B 185 3.92 8.02 9.15
N LEU B 186 4.32 7.23 10.16
CA LEU B 186 3.39 6.72 11.17
C LEU B 186 2.74 7.89 11.92
N VAL B 187 3.57 8.79 12.39
CA VAL B 187 3.16 10.00 13.12
C VAL B 187 2.18 10.79 12.27
N ARG B 188 2.57 11.09 11.03
CA ARG B 188 1.74 11.87 10.10
C ARG B 188 0.40 11.21 9.83
N THR B 189 0.35 9.88 9.63
CA THR B 189 -0.89 9.13 9.32
C THR B 189 -1.82 9.14 10.54
N VAL B 190 -1.26 8.86 11.74
CA VAL B 190 -2.01 8.87 12.98
C VAL B 190 -2.60 10.29 13.21
N LEU B 191 -1.77 11.33 13.03
CA LEU B 191 -2.18 12.72 13.24
C LEU B 191 -3.21 13.18 12.20
N PHE B 192 -3.05 12.78 10.92
CA PHE B 192 -4.00 13.20 9.88
C PHE B 192 -5.41 12.69 10.13
N MSE B 193 -5.49 11.60 10.88
CA MSE B 193 -6.77 10.98 11.25
C MSE B 193 -7.45 11.76 12.37
O MSE B 193 -8.63 11.52 12.66
CB MSE B 193 -6.49 9.50 11.64
CG MSE B 193 -6.27 8.64 10.36
SE MSE B 193 -5.76 6.82 10.73
CE MSE B 193 -7.51 6.14 11.42
N HIS B 194 -6.71 12.73 12.99
CA HIS B 194 -7.16 13.68 13.99
C HIS B 194 -7.07 15.11 13.43
N ASP B 195 -7.08 15.26 12.08
CA ASP B 195 -7.04 16.54 11.32
C ASP B 195 -5.74 17.35 11.49
N ILE B 196 -4.68 16.72 12.03
CA ILE B 196 -3.44 17.46 12.27
C ILE B 196 -2.37 17.18 11.20
N ILE B 197 -1.65 18.26 10.85
CA ILE B 197 -0.50 18.28 9.95
C ILE B 197 0.71 18.84 10.68
N ILE B 198 1.82 18.08 10.66
CA ILE B 198 3.10 18.54 11.22
C ILE B 198 4.14 18.28 10.11
N PRO B 199 5.43 18.70 10.19
CA PRO B 199 6.35 18.45 9.06
C PRO B 199 6.51 16.97 8.71
N ARG B 200 6.88 16.68 7.46
CA ARG B 200 6.99 15.32 6.94
C ARG B 200 8.22 14.57 7.46
N ASP B 201 9.42 15.16 7.36
CA ASP B 201 10.66 14.51 7.79
C ASP B 201 10.80 14.45 9.32
N ALA B 202 11.36 13.34 9.83
CA ALA B 202 11.65 13.17 11.26
C ALA B 202 12.60 14.30 11.74
N SER B 203 13.52 14.75 10.84
CA SER B 203 14.47 15.84 11.08
C SER B 203 13.77 17.17 11.37
N GLN B 204 12.60 17.39 10.74
CA GLN B 204 11.83 18.62 10.92
C GLN B 204 10.85 18.48 12.06
N GLN B 205 10.34 17.26 12.32
CA GLN B 205 9.42 16.99 13.43
C GLN B 205 10.10 17.24 14.79
N ALA B 206 11.42 17.00 14.84
CA ALA B 206 12.29 17.13 16.03
C ALA B 206 12.40 18.54 16.52
N TYR B 207 12.07 19.55 15.65
CA TYR B 207 12.30 20.94 16.01
C TYR B 207 11.00 21.77 16.04
N VAL B 208 9.87 21.12 16.27
CA VAL B 208 8.57 21.75 16.48
C VAL B 208 8.09 21.26 17.84
N GLY B 209 7.33 22.10 18.54
CA GLY B 209 6.90 21.77 19.89
C GLY B 209 8.02 22.02 20.89
N GLU B 210 7.84 21.56 22.12
CA GLU B 210 8.76 21.80 23.21
C GLU B 210 9.71 20.63 23.35
N ARG B 211 11.02 20.91 23.26
CA ARG B 211 12.05 19.88 23.41
C ARG B 211 12.16 19.48 24.90
N ILE B 212 12.06 18.18 25.19
CA ILE B 212 12.17 17.65 26.56
C ILE B 212 13.48 16.87 26.69
N GLU B 213 14.36 17.30 27.62
CA GLU B 213 15.61 16.62 27.94
C GLU B 213 15.21 15.52 28.89
N ILE B 214 15.26 14.28 28.42
CA ILE B 214 14.73 13.10 29.12
C ILE B 214 15.49 12.79 30.40
N ALA B 215 14.73 12.67 31.52
CA ALA B 215 15.25 12.31 32.83
C ALA B 215 15.62 10.82 32.82
N PRO B 216 16.68 10.39 33.53
CA PRO B 216 17.06 8.96 33.49
C PRO B 216 15.90 7.99 33.74
N ASP B 217 14.95 8.34 34.64
CA ASP B 217 13.82 7.45 34.93
C ASP B 217 12.62 7.67 33.98
N PHE B 218 12.72 8.63 33.02
CA PHE B 218 11.69 8.99 32.04
C PHE B 218 10.47 9.68 32.70
N SER B 219 10.58 10.07 33.99
CA SER B 219 9.49 10.69 34.77
C SER B 219 8.96 12.00 34.18
N ASN B 220 9.75 12.69 33.36
CA ASN B 220 9.34 13.95 32.75
C ASN B 220 8.85 13.75 31.28
N VAL B 221 8.72 12.48 30.84
CA VAL B 221 8.21 12.16 29.50
C VAL B 221 6.77 11.68 29.67
N GLN B 222 5.88 12.24 28.87
CA GLN B 222 4.43 12.00 28.90
C GLN B 222 3.94 11.24 27.66
N ARG B 223 2.82 10.52 27.82
CA ARG B 223 2.11 9.79 26.77
C ARG B 223 1.79 10.78 25.67
N GLY B 224 2.05 10.41 24.41
CA GLY B 224 1.78 11.33 23.32
C GLY B 224 2.97 12.20 22.91
N ASP B 225 4.03 12.25 23.77
CA ASP B 225 5.26 12.94 23.36
C ASP B 225 5.92 12.14 22.21
N LEU B 226 6.72 12.79 21.39
CA LEU B 226 7.47 12.06 20.39
C LEU B 226 8.85 11.75 20.98
N VAL B 227 9.49 10.65 20.57
CA VAL B 227 10.84 10.31 21.02
C VAL B 227 11.70 10.25 19.76
N PHE B 228 12.88 10.88 19.84
CA PHE B 228 13.77 11.01 18.69
C PHE B 228 15.08 10.31 18.95
N PHE B 229 15.58 9.65 17.90
CA PHE B 229 16.80 8.83 17.92
C PHE B 229 17.76 9.30 16.84
N GLY B 230 19.04 9.03 17.06
CA GLY B 230 20.06 9.38 16.11
C GLY B 230 21.42 9.55 16.74
N ARG B 231 22.23 10.37 16.08
CA ARG B 231 23.58 10.64 16.51
C ARG B 231 23.62 11.83 17.43
N LYS B 232 24.11 11.61 18.65
CA LYS B 232 24.21 12.65 19.66
C LYS B 232 25.15 13.78 19.19
N ALA B 233 24.81 15.02 19.54
CA ALA B 233 25.61 16.18 19.22
C ALA B 233 27.02 16.07 19.86
N THR B 234 28.08 16.31 19.06
CA THR B 234 29.50 16.33 19.45
C THR B 234 29.90 17.81 19.39
N ALA B 235 31.12 18.16 19.83
CA ALA B 235 31.58 19.56 19.79
C ALA B 235 31.82 20.00 18.33
N ASP B 236 32.22 19.05 17.47
CA ASP B 236 32.53 19.27 16.06
C ASP B 236 31.34 19.01 15.10
N ARG B 237 30.30 18.28 15.56
CA ARG B 237 29.17 17.93 14.69
C ARG B 237 27.84 18.00 15.43
N LYS B 238 26.84 18.67 14.79
CA LYS B 238 25.47 18.82 15.31
C LYS B 238 24.77 17.46 15.31
N GLU B 239 23.72 17.31 16.14
CA GLU B 239 22.98 16.06 16.26
C GLU B 239 22.30 15.66 14.94
N GLY B 240 22.21 14.35 14.71
CA GLY B 240 21.56 13.80 13.52
C GLY B 240 20.32 13.05 13.92
N ILE B 241 19.20 13.33 13.26
CA ILE B 241 17.93 12.65 13.54
C ILE B 241 17.74 11.55 12.50
N SER B 242 17.70 10.27 12.98
CA SER B 242 17.53 9.12 12.11
CA SER B 242 17.55 9.09 12.14
C SER B 242 16.20 8.38 12.33
N HIS B 243 15.52 8.60 13.47
CA HIS B 243 14.29 7.83 13.74
C HIS B 243 13.38 8.53 14.71
N VAL B 244 12.08 8.14 14.73
CA VAL B 244 11.08 8.75 15.60
C VAL B 244 10.00 7.72 16.00
N GLY B 245 9.48 7.88 17.21
CA GLY B 245 8.43 7.06 17.78
C GLY B 245 7.51 7.90 18.63
N ILE B 246 6.38 7.34 19.05
CA ILE B 246 5.41 8.02 19.91
C ILE B 246 5.49 7.37 21.29
N TYR B 247 5.72 8.16 22.34
CA TYR B 247 5.81 7.66 23.73
C TYR B 247 4.44 7.21 24.24
N LEU B 248 4.39 6.06 24.90
CA LEU B 248 3.16 5.46 25.44
C LEU B 248 3.12 5.44 26.95
N GLY B 249 4.17 5.96 27.59
CA GLY B 249 4.31 5.90 29.03
C GLY B 249 4.96 4.58 29.39
N ASN B 250 5.36 4.42 30.67
CA ASN B 250 5.97 3.21 31.21
C ASN B 250 7.18 2.71 30.37
N LYS B 251 8.01 3.67 29.88
CA LYS B 251 9.27 3.45 29.11
C LYS B 251 9.02 2.70 27.78
N ARG B 252 7.78 2.76 27.25
CA ARG B 252 7.42 2.09 26.00
C ARG B 252 7.08 3.12 24.92
N PHE B 253 7.24 2.72 23.65
CA PHE B 253 6.93 3.60 22.50
C PHE B 253 6.45 2.77 21.33
N ILE B 254 5.62 3.37 20.45
CA ILE B 254 5.14 2.72 19.25
C ILE B 254 5.90 3.35 18.10
N HIS B 255 6.30 2.54 17.12
CA HIS B 255 7.06 3.04 15.99
C HIS B 255 6.99 2.09 14.80
N ALA B 256 7.44 2.57 13.63
CA ALA B 256 7.52 1.77 12.41
C ALA B 256 8.98 1.45 12.14
N LEU B 257 9.28 0.14 12.10
CA LEU B 257 10.59 -0.43 11.82
C LEU B 257 10.33 -1.90 11.51
N GLY B 258 10.31 -2.25 10.21
CA GLY B 258 9.93 -3.58 9.71
C GLY B 258 8.41 -3.57 9.58
N ASP B 259 7.73 -3.29 10.71
CA ASP B 259 6.28 -3.09 10.81
C ASP B 259 5.98 -2.11 11.95
N VAL B 260 4.70 -1.80 12.16
CA VAL B 260 4.31 -0.95 13.29
C VAL B 260 4.26 -1.84 14.52
N HIS B 261 5.06 -1.51 15.53
CA HIS B 261 5.10 -2.32 16.76
C HIS B 261 5.47 -1.49 17.99
N ILE B 262 5.27 -2.09 19.17
CA ILE B 262 5.60 -1.49 20.45
C ILE B 262 6.98 -1.99 20.89
N SER B 263 7.80 -1.07 21.37
CA SER B 263 9.15 -1.35 21.87
C SER B 263 9.33 -0.68 23.24
N SER B 264 10.37 -1.07 23.96
CA SER B 264 10.65 -0.52 25.30
C SER B 264 12.10 -0.05 25.44
N PHE B 265 12.32 0.87 26.40
CA PHE B 265 13.66 1.33 26.80
C PHE B 265 14.12 0.56 28.04
N ASP B 266 13.26 -0.31 28.56
CA ASP B 266 13.54 -1.10 29.75
C ASP B 266 14.00 -2.54 29.37
N PRO B 267 15.26 -2.95 29.71
CA PRO B 267 15.70 -4.33 29.41
C PRO B 267 14.92 -5.43 30.13
N GLU B 268 14.06 -5.07 31.11
CA GLU B 268 13.19 -6.03 31.82
C GLU B 268 12.04 -6.49 30.93
N ASP B 269 11.68 -5.68 29.91
CA ASP B 269 10.59 -5.98 28.99
C ASP B 269 11.08 -6.87 27.85
N GLU B 270 10.22 -7.79 27.42
CA GLU B 270 10.54 -8.64 26.29
C GLU B 270 10.65 -7.84 25.00
N OCS B 271 9.87 -6.74 24.86
CA OCS B 271 9.91 -5.95 23.64
CB OCS B 271 8.51 -5.47 23.25
SG OCS B 271 7.58 -4.59 24.58
C OCS B 271 10.99 -4.80 23.72
O OCS B 271 10.92 -3.88 22.91
OD1 OCS B 271 7.76 -5.18 25.95
OD2 OCS B 271 8.35 -3.32 24.63
OD3 OCS B 271 6.30 -4.22 24.14
N TYR B 272 12.01 -4.95 24.59
CA TYR B 272 13.15 -4.04 24.69
C TYR B 272 13.88 -3.89 23.34
N ASP B 273 14.09 -2.65 22.88
CA ASP B 273 14.80 -2.30 21.65
C ASP B 273 16.17 -1.72 22.04
N GLU B 274 17.21 -2.57 22.06
CA GLU B 274 18.55 -2.17 22.49
C GLU B 274 19.18 -1.10 21.57
N PHE B 275 19.15 -1.31 20.25
CA PHE B 275 19.76 -0.38 19.30
C PHE B 275 19.15 1.05 19.43
N ASN B 276 17.81 1.16 19.48
CA ASN B 276 17.20 2.48 19.57
C ASN B 276 17.31 3.06 20.99
N THR B 277 17.27 2.23 22.06
CA THR B 277 17.44 2.74 23.43
C THR B 277 18.79 3.47 23.54
N GLY B 278 19.85 2.89 22.95
CA GLY B 278 21.20 3.45 22.98
C GLY B 278 21.39 4.69 22.14
N ARG B 279 20.43 5.00 21.24
CA ARG B 279 20.45 6.14 20.32
C ARG B 279 19.38 7.18 20.67
N LEU B 280 18.64 6.99 21.78
CA LEU B 280 17.62 7.93 22.22
C LEU B 280 18.26 9.29 22.49
N LEU B 281 17.74 10.36 21.86
CA LEU B 281 18.32 11.71 22.04
C LEU B 281 17.50 12.59 22.96
N PHE B 282 16.20 12.72 22.68
CA PHE B 282 15.30 13.60 23.42
C PHE B 282 13.87 13.29 23.04
N ALA B 283 12.93 13.94 23.70
CA ALA B 283 11.50 13.86 23.41
C ALA B 283 11.00 15.25 23.06
N THR B 284 9.80 15.35 22.45
CA THR B 284 9.16 16.64 22.18
C THR B 284 7.70 16.55 22.58
N ARG B 285 7.15 17.65 23.10
CA ARG B 285 5.73 17.76 23.47
C ARG B 285 5.14 18.68 22.40
N PHE B 286 4.37 18.14 21.44
CA PHE B 286 3.86 18.94 20.33
C PHE B 286 2.36 19.15 20.36
N LEU B 287 1.58 18.21 20.94
CA LEU B 287 0.12 18.30 20.91
C LEU B 287 -0.44 19.59 21.50
N PRO B 288 0.12 20.22 22.58
CA PRO B 288 -0.46 21.51 23.04
C PRO B 288 -0.24 22.68 22.07
N TYR B 289 0.59 22.52 21.01
CA TYR B 289 0.97 23.65 20.18
C TYR B 289 0.43 23.62 18.75
N ILE B 290 -0.61 22.83 18.50
CA ILE B 290 -1.20 22.80 17.15
C ILE B 290 -1.91 24.13 16.93
N ASN B 291 -1.65 24.79 15.76
CA ASN B 291 -2.18 26.12 15.37
C ASN B 291 -1.60 27.24 16.27
N LYS B 292 -0.46 26.98 16.92
CA LYS B 292 0.17 27.98 17.80
C LYS B 292 1.63 28.19 17.42
N GLU B 293 2.13 27.39 16.45
CA GLU B 293 3.53 27.40 15.99
C GLU B 293 3.57 27.04 14.50
N LYS B 294 4.49 27.67 13.72
CA LYS B 294 4.60 27.39 12.27
C LYS B 294 4.99 25.92 12.03
N GLY B 295 4.37 25.34 11.02
CA GLY B 295 4.59 23.95 10.65
C GLY B 295 3.64 22.98 11.31
N MSE B 296 2.84 23.41 12.30
CA MSE B 296 1.88 22.50 12.96
C MSE B 296 0.48 23.10 12.94
O MSE B 296 0.26 24.16 13.53
CB MSE B 296 2.27 22.17 14.40
CG MSE B 296 3.63 21.55 14.52
SE MSE B 296 3.81 20.80 16.29
CE MSE B 296 3.98 22.29 17.20
N ASN B 297 -0.47 22.43 12.26
CA ASN B 297 -1.81 23.00 12.13
C ASN B 297 -2.89 21.94 11.90
N THR B 298 -4.17 22.37 11.89
CA THR B 298 -5.31 21.52 11.52
C THR B 298 -5.71 21.91 10.08
N THR B 299 -6.37 21.03 9.31
CA THR B 299 -6.71 21.35 7.91
C THR B 299 -7.62 22.60 7.78
N ASP B 300 -8.50 22.88 8.77
CA ASP B 300 -9.34 24.08 8.68
C ASP B 300 -8.55 25.37 9.10
N HIS B 301 -7.25 25.26 9.37
CA HIS B 301 -6.37 26.39 9.70
C HIS B 301 -5.19 26.45 8.73
N ASN B 302 -5.16 25.49 7.78
CA ASN B 302 -4.08 25.34 6.81
C ASN B 302 -4.44 26.06 5.53
N LEU B 303 -3.54 26.95 5.09
CA LEU B 303 -3.76 27.83 3.95
C LEU B 303 -3.94 27.10 2.61
N TYR B 304 -3.48 25.84 2.47
CA TYR B 304 -3.70 25.05 1.24
C TYR B 304 -5.17 24.67 1.08
N TYR B 305 -5.92 24.64 2.21
CA TYR B 305 -7.32 24.28 2.30
C TYR B 305 -8.23 25.48 2.27
N LEU B 306 -7.66 26.69 2.25
CA LEU B 306 -8.47 27.91 2.33
C LEU B 306 -8.14 28.96 1.28
N HIS B 307 -9.13 29.72 0.84
CA HIS B 307 -8.91 30.82 -0.08
C HIS B 307 -8.05 31.88 0.61
N HIS B 308 -7.05 32.42 -0.11
CA HIS B 308 -6.17 33.50 0.34
C HIS B 308 -5.49 34.12 -0.88
CL CL C . 10.45 -0.37 2.67
C1 GOL D . 9.32 -3.34 -11.48
O1 GOL D . 10.57 -3.85 -11.06
C2 GOL D . 8.66 -4.32 -12.45
O2 GOL D . 7.29 -4.12 -12.77
C3 GOL D . 8.83 -5.78 -12.11
O3 GOL D . 10.09 -6.14 -12.63
C1 GOL E . 9.98 -22.60 -12.11
O1 GOL E . 10.04 -21.12 -12.14
C2 GOL E . 10.60 -23.27 -10.85
O2 GOL E . 11.73 -22.42 -10.40
C3 GOL E . 9.54 -23.31 -9.74
O3 GOL E . 8.85 -24.53 -9.64
C1 GOL F . 15.86 -20.49 -11.11
O1 GOL F . 15.63 -21.58 -12.01
C2 GOL F . 16.57 -20.90 -9.81
O2 GOL F . 17.50 -19.82 -9.48
C3 GOL F . 15.49 -21.24 -8.71
O3 GOL F . 15.96 -21.52 -7.36
CL CL G . 4.46 5.02 -8.35
C1 GOL H . 9.88 11.46 4.50
O1 GOL H . 10.64 12.29 5.36
C2 GOL H . 10.77 10.26 4.59
O2 GOL H . 10.55 9.55 5.80
C3 GOL H . 10.91 9.55 3.31
O3 GOL H . 11.56 10.55 2.56
C1 GOL I . 2.25 25.89 5.98
O1 GOL I . 2.88 25.29 7.14
C2 GOL I . 1.15 26.81 6.46
O2 GOL I . 1.23 27.92 5.62
C3 GOL I . -0.17 26.16 6.12
O3 GOL I . -1.22 27.04 6.45
#